data_9L21
#
_entry.id   9L21
#
_cell.length_a   1.00
_cell.length_b   1.00
_cell.length_c   1.00
_cell.angle_alpha   90.00
_cell.angle_beta   90.00
_cell.angle_gamma   90.00
#
_symmetry.space_group_name_H-M   'P 1'
#
loop_
_entity.id
_entity.type
_entity.pdbx_description
1 polymer 'Vitamin K-dependent gamma-carboxylase'
2 polymer 'Coagulation factor IX'
3 branched 2-acetamido-2-deoxy-beta-D-glucopyranose-(1-4)-2-acetamido-2-deoxy-beta-D-glucopyranose
4 non-polymer 2-acetamido-2-deoxy-beta-D-glucopyranose
5 non-polymer 'vitamin K1 hydroquinone'
6 non-polymer 'BICARBONATE ION'
7 non-polymer 'CARBON DIOXIDE'
8 non-polymer CHOLESTEROL
9 non-polymer 1,2-dioleoyl-sn-glycero-3-phosphoethanolamine
10 non-polymer 'CHOLESTEROL HEMISUCCINATE'
11 water water
#
loop_
_entity_poly.entity_id
_entity_poly.type
_entity_poly.pdbx_seq_one_letter_code
_entity_poly.pdbx_strand_id
1 'polypeptide(L)'
;SRIGKLLGFEWTDLSSWRRLVTLLNRPTDPASLAVFRFLFGFLMVLDIPQERGLSSLDRKYLDGLDVCRFPLLDALRPLP
LDWMYLVYTIMFLGALGMMLGLCYRISCVLFLLPYWYVFLLDKTSWNNHSYLYGLLAFQLTFMDANHYWSVDGLLNAHRR
NAHVPLWNYAVLRGQIFIVYFIAGVKKLDADWVEGYSMEYLSRHWLFSPFKLLLSEELTSLLVVHWGGLLLDLSAGFLLF
FDVSRSIGLFFVSYFHCMNSQLFSIGMFSYVMLASSPLFCSPEWPRKLVSYCPRRLQQLLPLKAAPQPSVSCVYKRSRGK
SGQKPGLRHQLGAAFTLLYLLEQLFLPYSHFLTQGYNNWTNGLYGYSWDMMVHSRSHQHVKITYRDGRTGELGYLNPGVF
TQSRRWKDHADMLKQYATCLSRLLPKYNVTEPQIYFDIWVSINDRFQQRIFDPRVDIVQAAWSPFQRTSWVQPLLMDLSP
WRAKLQEIKSSLDNHTEVVFIADFPGLHLENFVSEDLGNTSIQLLQGEVTVELVAEQKNQTLREGEKMQLPAGEYHKVYT
TSPSPSCYMYVYVNTTELALEQDLAYLQELKEKVENGSETGPLPPELQPLLEGEVKGGPEPTPLVQTFLRRQQRLQEIER
RRNTPFHERFFRFLLRKLYVFRRSFLMTCISLRNLILGRPSLEQLAQEVTYANLRPFE
;
A
2 'polypeptide(L)' TVFLDHENANKILNRPKRYNSGKLEEFV B
#
loop_
_chem_comp.id
_chem_comp.type
_chem_comp.name
_chem_comp.formula
A1AVC non-polymer 'vitamin K1 hydroquinone' 'C31 H48 O2'
BCT non-polymer 'BICARBONATE ION' 'C H O3 -1'
CLR non-polymer CHOLESTEROL 'C27 H46 O'
CO2 non-polymer 'CARBON DIOXIDE' 'C O2'
NAG D-saccharide, beta linking 2-acetamido-2-deoxy-beta-D-glucopyranose 'C8 H15 N O6'
PEE non-polymer 1,2-dioleoyl-sn-glycero-3-phosphoethanolamine 'C41 H78 N O8 P'
Y01 non-polymer 'CHOLESTEROL HEMISUCCINATE' 'C31 H50 O4'
#
# COMPACT_ATOMS: atom_id res chain seq x y z
N SER A 1 31.44 33.87 13.49
CA SER A 1 30.66 32.89 12.75
C SER A 1 29.19 32.98 13.12
N ARG A 2 28.47 33.90 12.48
CA ARG A 2 27.04 34.02 12.71
C ARG A 2 26.31 32.74 12.34
N ILE A 3 26.39 32.35 11.07
CA ILE A 3 25.87 31.06 10.65
C ILE A 3 27.03 30.08 10.64
N GLY A 4 27.30 29.47 11.79
CA GLY A 4 28.27 28.41 11.91
C GLY A 4 27.82 27.39 12.92
N LYS A 5 26.68 27.67 13.54
CA LYS A 5 26.05 26.78 14.49
C LYS A 5 24.59 26.50 14.17
N LEU A 6 23.94 27.31 13.33
CA LEU A 6 22.61 27.00 12.85
C LEU A 6 22.63 26.04 11.67
N LEU A 7 23.74 25.97 10.95
CA LEU A 7 23.86 25.09 9.78
C LEU A 7 24.97 24.08 9.88
N GLY A 8 26.02 24.32 10.67
CA GLY A 8 27.12 23.39 10.83
C GLY A 8 28.32 23.67 9.95
N PHE A 9 28.23 24.62 9.03
CA PHE A 9 29.34 24.94 8.15
C PHE A 9 29.27 26.43 7.80
N GLU A 10 30.21 26.87 6.96
CA GLU A 10 30.30 28.26 6.55
C GLU A 10 30.10 28.35 5.04
N TRP A 11 29.86 29.59 4.57
CA TRP A 11 29.64 29.81 3.15
C TRP A 11 30.89 29.57 2.31
N THR A 12 32.08 29.71 2.91
CA THR A 12 33.31 29.50 2.15
C THR A 12 33.56 28.04 1.84
N ASP A 13 32.89 27.12 2.53
CA ASP A 13 33.08 25.70 2.29
C ASP A 13 32.45 25.24 0.98
N LEU A 14 31.58 26.04 0.38
CA LEU A 14 30.93 25.70 -0.87
C LEU A 14 31.42 26.56 -2.03
N SER A 15 32.58 27.19 -1.88
CA SER A 15 33.10 28.10 -2.90
C SER A 15 33.96 27.39 -3.94
N SER A 16 34.27 26.11 -3.76
CA SER A 16 35.08 25.38 -4.72
C SER A 16 34.77 23.90 -4.59
N TRP A 17 35.13 23.15 -5.64
CA TRP A 17 34.94 21.70 -5.60
C TRP A 17 35.80 21.06 -4.52
N ARG A 18 37.07 21.50 -4.40
CA ARG A 18 37.96 20.93 -3.41
C ARG A 18 37.48 21.23 -1.99
N ARG A 19 37.02 22.46 -1.75
CA ARG A 19 36.50 22.80 -0.43
C ARG A 19 35.24 22.00 -0.10
N LEU A 20 34.38 21.79 -1.09
CA LEU A 20 33.17 20.99 -0.87
C LEU A 20 33.53 19.55 -0.56
N VAL A 21 34.50 18.97 -1.28
CA VAL A 21 34.93 17.61 -1.00
C VAL A 21 35.52 17.51 0.40
N THR A 22 36.31 18.52 0.79
CA THR A 22 36.88 18.52 2.14
C THR A 22 35.79 18.60 3.20
N LEU A 23 34.76 19.42 2.97
CA LEU A 23 33.68 19.55 3.93
C LEU A 23 32.86 18.25 4.04
N LEU A 24 32.62 17.58 2.92
CA LEU A 24 31.77 16.40 2.93
C LEU A 24 32.47 15.15 3.46
N ASN A 25 33.79 15.18 3.62
CA ASN A 25 34.54 14.05 4.17
C ASN A 25 35.03 14.31 5.59
N ARG A 26 34.39 15.24 6.29
CA ARG A 26 34.78 15.57 7.65
C ARG A 26 34.57 14.37 8.57
N PRO A 27 35.54 14.02 9.41
CA PRO A 27 35.39 12.86 10.28
C PRO A 27 34.32 13.09 11.35
N THR A 28 33.63 12.00 11.72
CA THR A 28 32.44 12.08 12.56
C THR A 28 32.39 10.86 13.46
N ASP A 29 31.66 10.99 14.56
CA ASP A 29 31.39 9.86 15.44
C ASP A 29 30.39 8.91 14.78
N PRO A 30 30.63 7.60 14.79
CA PRO A 30 29.72 6.65 14.14
C PRO A 30 28.68 5.97 15.04
N ALA A 31 28.51 6.42 16.29
CA ALA A 31 27.66 5.67 17.21
C ALA A 31 26.19 5.65 16.78
N SER A 32 25.66 6.79 16.36
CA SER A 32 24.25 6.86 15.97
C SER A 32 23.98 6.05 14.70
N LEU A 33 24.92 6.10 13.75
CA LEU A 33 24.83 5.28 12.56
C LEU A 33 24.78 3.80 12.91
N ALA A 34 25.61 3.37 13.89
CA ALA A 34 25.61 1.98 14.31
C ALA A 34 24.28 1.58 14.93
N VAL A 35 23.72 2.44 15.78
CA VAL A 35 22.44 2.13 16.42
C VAL A 35 21.34 2.01 15.36
N PHE A 36 21.34 2.93 14.39
CA PHE A 36 20.35 2.86 13.33
C PHE A 36 20.50 1.59 12.51
N ARG A 37 21.73 1.18 12.20
CA ARG A 37 21.94 -0.04 11.45
C ARG A 37 21.39 -1.25 12.20
N PHE A 38 21.68 -1.32 13.51
CA PHE A 38 21.18 -2.43 14.30
C PHE A 38 19.65 -2.49 14.28
N LEU A 39 19.01 -1.33 14.46
CA LEU A 39 17.55 -1.31 14.51
C LEU A 39 16.92 -1.64 13.16
N PHE A 40 17.46 -1.10 12.07
CA PHE A 40 16.93 -1.41 10.75
C PHE A 40 17.08 -2.89 10.42
N GLY A 41 18.24 -3.48 10.77
CA GLY A 41 18.43 -4.90 10.53
C GLY A 41 17.45 -5.75 11.31
N PHE A 42 17.21 -5.39 12.57
CA PHE A 42 16.23 -6.12 13.36
C PHE A 42 14.83 -6.01 12.77
N LEU A 43 14.44 -4.79 12.36
CA LEU A 43 13.11 -4.60 11.79
C LEU A 43 12.93 -5.37 10.49
N MET A 44 13.96 -5.41 9.65
CA MET A 44 13.86 -6.17 8.40
C MET A 44 13.80 -7.66 8.66
N VAL A 45 14.55 -8.14 9.65
CA VAL A 45 14.48 -9.56 10.02
C VAL A 45 13.07 -9.91 10.46
N LEU A 46 12.45 -9.07 11.29
CA LEU A 46 11.09 -9.34 11.73
C LEU A 46 10.09 -9.22 10.59
N ASP A 47 10.34 -8.32 9.65
CA ASP A 47 9.40 -8.04 8.56
C ASP A 47 9.40 -9.13 7.49
N ILE A 48 10.55 -9.79 7.26
CA ILE A 48 10.64 -10.75 6.15
C ILE A 48 9.58 -11.85 6.22
N PRO A 49 9.34 -12.52 7.36
CA PRO A 49 8.35 -13.61 7.35
C PRO A 49 6.91 -13.13 7.28
N GLN A 50 6.61 -11.87 7.59
CA GLN A 50 5.23 -11.39 7.68
C GLN A 50 4.75 -10.74 6.38
N GLU A 51 5.40 -9.67 5.94
CA GLU A 51 4.91 -8.92 4.80
C GLU A 51 5.53 -9.36 3.48
N ARG A 52 6.79 -9.80 3.48
CA ARG A 52 7.41 -10.24 2.24
C ARG A 52 6.83 -11.55 1.72
N GLY A 53 6.03 -12.25 2.52
CA GLY A 53 5.30 -13.40 2.03
C GLY A 53 6.01 -14.72 2.07
N LEU A 54 6.91 -14.93 3.05
CA LEU A 54 7.55 -16.23 3.20
C LEU A 54 6.56 -17.30 3.65
N SER A 55 5.53 -16.90 4.40
CA SER A 55 4.58 -17.87 4.95
C SER A 55 3.53 -18.32 3.95
N SER A 56 3.49 -17.73 2.74
CA SER A 56 2.52 -18.10 1.72
C SER A 56 3.21 -18.38 0.39
N LEU A 57 4.49 -18.76 0.44
CA LEU A 57 5.24 -18.99 -0.79
C LEU A 57 4.69 -20.16 -1.58
N ASP A 58 4.31 -21.24 -0.90
CA ASP A 58 3.76 -22.40 -1.59
C ASP A 58 2.42 -22.07 -2.24
N ARG A 59 1.58 -21.30 -1.55
CA ARG A 59 0.32 -20.87 -2.15
C ARG A 59 0.54 -19.98 -3.36
N LYS A 60 1.50 -19.06 -3.29
CA LYS A 60 1.71 -18.11 -4.37
C LYS A 60 2.37 -18.74 -5.59
N TYR A 61 3.32 -19.66 -5.39
CA TYR A 61 4.10 -20.20 -6.49
C TYR A 61 3.94 -21.70 -6.64
N LEU A 62 2.70 -22.18 -6.60
CA LEU A 62 2.44 -23.60 -6.80
C LEU A 62 3.01 -24.07 -8.14
N ASP A 63 3.24 -25.38 -8.23
CA ASP A 63 4.01 -25.93 -9.35
C ASP A 63 3.29 -25.80 -10.67
N GLY A 64 2.03 -26.23 -10.74
CA GLY A 64 1.36 -26.37 -12.02
C GLY A 64 0.01 -25.71 -12.16
N LEU A 65 -0.15 -24.52 -11.58
CA LEU A 65 -1.41 -23.78 -11.64
C LEU A 65 -1.30 -22.62 -12.62
N ASP A 66 -2.45 -22.23 -13.16
CA ASP A 66 -2.53 -21.16 -14.15
C ASP A 66 -2.72 -19.82 -13.45
N VAL A 67 -1.75 -18.93 -13.60
CA VAL A 67 -1.75 -17.61 -12.99
C VAL A 67 -1.33 -16.58 -14.02
N CYS A 68 -1.96 -15.41 -13.97
CA CYS A 68 -1.50 -14.24 -14.68
C CYS A 68 -0.67 -13.38 -13.73
N ARG A 69 0.54 -13.02 -14.17
CA ARG A 69 1.46 -12.26 -13.35
C ARG A 69 1.75 -10.92 -14.02
N PHE A 70 2.18 -9.95 -13.21
CA PHE A 70 2.40 -8.58 -13.66
C PHE A 70 3.78 -8.10 -13.23
N PRO A 71 4.84 -8.57 -13.90
CA PRO A 71 6.16 -7.99 -13.66
C PRO A 71 6.35 -6.68 -14.41
N LEU A 72 7.35 -5.91 -13.95
CA LEU A 72 7.68 -4.67 -14.64
C LEU A 72 8.25 -4.95 -16.02
N LEU A 73 9.09 -5.97 -16.15
CA LEU A 73 9.57 -6.46 -17.42
C LEU A 73 9.01 -7.86 -17.63
N ASP A 74 8.44 -8.10 -18.81
CA ASP A 74 7.87 -9.41 -19.09
C ASP A 74 8.93 -10.50 -19.20
N ALA A 75 10.17 -10.12 -19.47
CA ALA A 75 11.25 -11.11 -19.52
C ALA A 75 11.54 -11.69 -18.14
N LEU A 76 11.26 -10.93 -17.08
CA LEU A 76 11.46 -11.43 -15.72
C LEU A 76 10.45 -12.53 -15.41
N ARG A 77 10.93 -13.66 -14.92
CA ARG A 77 10.09 -14.80 -14.61
C ARG A 77 10.47 -15.35 -13.24
N PRO A 78 9.52 -15.92 -12.51
CA PRO A 78 9.86 -16.59 -11.25
C PRO A 78 10.54 -17.93 -11.49
N LEU A 79 11.19 -18.41 -10.45
CA LEU A 79 11.86 -19.70 -10.42
C LEU A 79 10.94 -20.74 -9.82
N PRO A 80 11.31 -22.03 -9.90
CA PRO A 80 10.57 -23.06 -9.16
C PRO A 80 10.51 -22.76 -7.66
N LEU A 81 9.64 -23.51 -6.97
CA LEU A 81 9.33 -23.20 -5.58
C LEU A 81 10.54 -23.35 -4.68
N ASP A 82 11.33 -24.41 -4.87
CA ASP A 82 12.50 -24.63 -4.01
C ASP A 82 13.53 -23.51 -4.16
N TRP A 83 13.75 -23.05 -5.40
CA TRP A 83 14.68 -21.95 -5.60
C TRP A 83 14.13 -20.63 -5.06
N MET A 84 12.82 -20.45 -5.08
CA MET A 84 12.21 -19.29 -4.42
C MET A 84 12.49 -19.33 -2.92
N TYR A 85 12.36 -20.51 -2.31
CA TYR A 85 12.65 -20.65 -0.89
C TYR A 85 14.13 -20.36 -0.60
N LEU A 86 15.02 -20.82 -1.49
CA LEU A 86 16.44 -20.53 -1.33
C LEU A 86 16.72 -19.03 -1.42
N VAL A 87 16.06 -18.33 -2.35
CA VAL A 87 16.22 -16.89 -2.47
C VAL A 87 15.79 -16.19 -1.19
N TYR A 88 14.66 -16.60 -0.63
CA TYR A 88 14.18 -16.00 0.62
C TYR A 88 15.14 -16.29 1.78
N THR A 89 15.70 -17.50 1.82
CA THR A 89 16.67 -17.85 2.86
C THR A 89 17.91 -16.97 2.79
N ILE A 90 18.41 -16.73 1.57
CA ILE A 90 19.58 -15.85 1.40
C ILE A 90 19.24 -14.43 1.84
N MET A 91 18.05 -13.93 1.49
CA MET A 91 17.65 -12.60 1.92
C MET A 91 17.59 -12.49 3.44
N PHE A 92 17.05 -13.51 4.11
CA PHE A 92 16.98 -13.52 5.56
C PHE A 92 18.36 -13.55 6.20
N LEU A 93 19.27 -14.35 5.65
CA LEU A 93 20.63 -14.38 6.16
C LEU A 93 21.31 -13.03 6.01
N GLY A 94 21.08 -12.35 4.88
CA GLY A 94 21.63 -11.02 4.70
C GLY A 94 21.09 -10.02 5.70
N ALA A 95 19.79 -10.08 6.00
CA ALA A 95 19.23 -9.18 7.01
C ALA A 95 19.85 -9.45 8.39
N LEU A 96 20.03 -10.72 8.75
CA LEU A 96 20.65 -11.04 10.03
C LEU A 96 22.08 -10.53 10.10
N GLY A 97 22.84 -10.70 9.01
CA GLY A 97 24.20 -10.18 8.98
C GLY A 97 24.26 -8.66 9.04
N MET A 98 23.31 -7.98 8.41
CA MET A 98 23.23 -6.53 8.52
C MET A 98 22.95 -6.10 9.96
N MET A 99 22.04 -6.79 10.64
CA MET A 99 21.73 -6.45 12.02
C MET A 99 22.93 -6.67 12.94
N LEU A 100 23.64 -7.78 12.75
CA LEU A 100 24.74 -8.11 13.66
C LEU A 100 25.99 -7.28 13.40
N GLY A 101 26.21 -6.83 12.17
CA GLY A 101 27.46 -6.21 11.82
C GLY A 101 28.56 -7.17 11.42
N LEU A 102 28.24 -8.44 11.23
CA LEU A 102 29.22 -9.47 10.88
C LEU A 102 29.25 -9.66 9.37
N CYS A 103 30.44 -9.55 8.78
CA CYS A 103 30.63 -9.59 7.34
C CYS A 103 29.68 -8.58 6.66
N TYR A 104 29.91 -7.32 6.97
CA TYR A 104 28.91 -6.28 6.74
C TYR A 104 28.56 -6.12 5.27
N ARG A 105 29.57 -6.00 4.40
CA ARG A 105 29.31 -5.66 3.00
C ARG A 105 28.72 -6.82 2.21
N ILE A 106 29.25 -8.03 2.41
CA ILE A 106 28.67 -9.20 1.78
C ILE A 106 27.23 -9.39 2.23
N SER A 107 26.97 -9.18 3.52
CA SER A 107 25.60 -9.28 4.03
C SER A 107 24.69 -8.23 3.40
N CYS A 108 25.22 -7.01 3.21
CA CYS A 108 24.44 -5.96 2.57
C CYS A 108 24.03 -6.34 1.16
N VAL A 109 24.98 -6.87 0.37
CA VAL A 109 24.67 -7.29 -0.99
C VAL A 109 23.69 -8.46 -0.99
N LEU A 110 23.88 -9.40 -0.06
CA LEU A 110 23.03 -10.59 0.01
C LEU A 110 21.60 -10.24 0.40
N PHE A 111 21.39 -9.19 1.18
CA PHE A 111 20.03 -8.72 1.38
C PHE A 111 19.53 -7.94 0.16
N LEU A 112 20.38 -7.11 -0.44
CA LEU A 112 19.93 -6.13 -1.41
C LEU A 112 19.46 -6.76 -2.71
N LEU A 113 20.14 -7.82 -3.16
CA LEU A 113 19.81 -8.33 -4.50
C LEU A 113 18.49 -9.10 -4.55
N PRO A 114 18.30 -10.14 -3.75
CA PRO A 114 17.00 -10.85 -3.81
C PRO A 114 15.81 -9.98 -3.45
N TYR A 115 16.00 -8.96 -2.60
CA TYR A 115 14.90 -8.07 -2.25
C TYR A 115 14.40 -7.31 -3.47
N TRP A 116 15.32 -6.74 -4.26
CA TRP A 116 14.91 -5.99 -5.43
C TRP A 116 14.41 -6.90 -6.54
N TYR A 117 14.94 -8.12 -6.63
CA TYR A 117 14.39 -9.09 -7.57
C TYR A 117 12.93 -9.39 -7.24
N VAL A 118 12.63 -9.64 -5.96
CA VAL A 118 11.27 -9.92 -5.53
C VAL A 118 10.38 -8.70 -5.75
N PHE A 119 10.91 -7.51 -5.51
CA PHE A 119 10.14 -6.28 -5.73
C PHE A 119 9.75 -6.13 -7.20
N LEU A 120 10.72 -6.32 -8.11
CA LEU A 120 10.45 -6.13 -9.53
C LEU A 120 9.68 -7.27 -10.15
N LEU A 121 9.54 -8.41 -9.47
CA LEU A 121 8.77 -9.51 -10.01
C LEU A 121 7.26 -9.23 -10.08
N ASP A 122 6.75 -8.26 -9.31
CA ASP A 122 5.31 -8.12 -9.15
C ASP A 122 4.96 -6.65 -8.88
N LYS A 123 4.35 -5.99 -9.86
CA LYS A 123 3.96 -4.59 -9.73
C LYS A 123 2.75 -4.40 -8.83
N THR A 124 1.99 -5.46 -8.55
CA THR A 124 0.74 -5.34 -7.82
C THR A 124 0.93 -5.31 -6.31
N SER A 125 2.16 -5.40 -5.82
CA SER A 125 2.45 -5.35 -4.40
C SER A 125 3.26 -4.12 -4.01
N TRP A 126 3.53 -3.22 -4.95
CA TRP A 126 4.34 -2.04 -4.64
C TRP A 126 3.59 -1.08 -3.75
N ASN A 127 4.29 -0.54 -2.75
CA ASN A 127 3.79 0.57 -1.96
C ASN A 127 4.99 1.41 -1.56
N ASN A 128 4.74 2.44 -0.75
CA ASN A 128 5.81 3.38 -0.44
C ASN A 128 6.80 2.87 0.59
N HIS A 129 6.36 2.10 1.59
CA HIS A 129 7.31 1.68 2.62
C HIS A 129 8.22 0.55 2.16
N SER A 130 7.77 -0.32 1.27
CA SER A 130 8.67 -1.31 0.66
C SER A 130 9.72 -0.64 -0.21
N TYR A 131 9.30 0.36 -0.99
CA TYR A 131 10.25 1.16 -1.77
C TYR A 131 11.27 1.83 -0.85
N LEU A 132 10.83 2.36 0.28
CA LEU A 132 11.73 2.99 1.24
C LEU A 132 12.71 1.98 1.84
N TYR A 133 12.24 0.78 2.17
CA TYR A 133 13.15 -0.24 2.68
C TYR A 133 14.25 -0.56 1.67
N GLY A 134 13.88 -0.69 0.40
CA GLY A 134 14.89 -0.93 -0.63
C GLY A 134 15.88 0.21 -0.75
N LEU A 135 15.39 1.45 -0.73
CA LEU A 135 16.29 2.61 -0.83
C LEU A 135 17.25 2.66 0.35
N LEU A 136 16.75 2.35 1.55
CA LEU A 136 17.60 2.38 2.74
C LEU A 136 18.68 1.31 2.69
N ALA A 137 18.33 0.11 2.24
CA ALA A 137 19.33 -0.94 2.10
C ALA A 137 20.39 -0.53 1.07
N PHE A 138 19.96 0.08 -0.03
CA PHE A 138 20.90 0.55 -1.05
C PHE A 138 21.86 1.58 -0.48
N GLN A 139 21.35 2.51 0.35
CA GLN A 139 22.23 3.49 0.99
C GLN A 139 23.20 2.83 1.96
N LEU A 140 22.70 1.92 2.79
CA LEU A 140 23.52 1.31 3.83
C LEU A 140 24.58 0.37 3.25
N THR A 141 24.42 -0.05 2.00
CA THR A 141 25.47 -0.87 1.38
C THR A 141 26.78 -0.11 1.24
N PHE A 142 26.75 1.21 1.09
CA PHE A 142 27.93 2.01 0.83
C PHE A 142 28.41 2.78 2.06
N MET A 143 28.00 2.39 3.26
CA MET A 143 28.27 3.17 4.46
C MET A 143 29.12 2.36 5.44
N ASP A 144 29.85 3.08 6.29
CA ASP A 144 30.71 2.47 7.31
C ASP A 144 29.97 2.38 8.64
N ALA A 145 28.89 1.60 8.64
CA ALA A 145 28.02 1.48 9.78
C ALA A 145 28.41 0.35 10.73
N ASN A 146 29.53 -0.34 10.46
CA ASN A 146 30.02 -1.40 11.33
C ASN A 146 31.23 -0.96 12.16
N HIS A 147 31.44 0.36 12.30
CA HIS A 147 32.57 0.89 13.05
C HIS A 147 32.30 1.01 14.55
N TYR A 148 31.13 0.78 15.12
CA TYR A 148 30.83 0.84 16.57
C TYR A 148 29.91 -0.31 16.72
N TRP A 149 29.59 -0.78 17.89
CA TRP A 149 28.68 -1.93 18.20
C TRP A 149 28.43 -3.05 17.19
N SER A 150 29.44 -3.59 16.56
CA SER A 150 29.39 -4.68 15.60
C SER A 150 30.01 -5.94 16.20
N VAL A 151 30.19 -6.97 15.39
CA VAL A 151 30.81 -8.24 15.80
C VAL A 151 32.12 -8.21 15.05
N ASP A 152 32.21 -7.41 14.00
CA ASP A 152 33.43 -7.26 13.19
C ASP A 152 34.54 -6.64 14.03
N GLY A 153 34.33 -5.58 14.79
CA GLY A 153 35.34 -5.04 15.73
C GLY A 153 35.74 -6.01 16.81
N LEU A 154 34.82 -6.73 17.42
CA LEU A 154 35.09 -7.75 18.45
C LEU A 154 35.74 -8.98 17.80
N LEU A 155 36.38 -8.83 16.63
CA LEU A 155 37.18 -9.89 15.98
C LEU A 155 38.23 -9.29 15.05
N ASN A 156 38.29 -7.99 14.88
CA ASN A 156 39.23 -7.37 13.90
C ASN A 156 39.50 -5.90 14.30
N ALA A 157 40.59 -5.64 15.05
CA ALA A 157 40.97 -4.30 15.56
C ALA A 157 41.20 -3.29 14.44
N HIS A 158 40.19 -2.51 14.09
CA HIS A 158 40.25 -1.59 12.94
C HIS A 158 38.84 -1.01 12.91
N ARG A 159 37.86 -1.86 13.25
CA ARG A 159 36.43 -1.45 13.18
C ARG A 159 35.96 -1.21 14.59
N ARG A 160 36.90 -1.09 15.54
CA ARG A 160 36.49 -0.72 16.91
C ARG A 160 36.53 0.80 16.88
N ASN A 161 35.51 1.53 17.34
CA ASN A 161 35.39 3.03 17.21
C ASN A 161 36.39 3.72 16.27
N ALA A 162 36.19 3.72 14.96
CA ALA A 162 37.02 4.48 14.03
C ALA A 162 36.07 5.58 13.54
N HIS A 163 36.56 6.69 13.05
CA HIS A 163 35.70 7.73 12.47
C HIS A 163 34.97 7.37 11.14
N VAL A 164 33.94 8.10 10.72
CA VAL A 164 33.27 7.95 9.43
C VAL A 164 33.17 9.33 8.77
N PRO A 165 33.04 9.38 7.45
CA PRO A 165 32.88 10.67 6.78
C PRO A 165 31.52 11.30 7.05
N LEU A 166 31.42 12.59 6.75
CA LEU A 166 30.23 13.36 7.09
C LEU A 166 29.04 13.00 6.20
N TRP A 167 29.26 12.64 4.93
CA TRP A 167 28.15 12.46 4.01
C TRP A 167 27.30 11.24 4.33
N ASN A 168 27.77 10.33 5.19
CA ASN A 168 26.95 9.20 5.60
C ASN A 168 25.68 9.67 6.32
N TYR A 169 25.82 10.66 7.20
CA TYR A 169 24.66 11.24 7.86
C TYR A 169 23.88 12.17 6.92
N ALA A 170 24.59 12.86 6.03
CA ALA A 170 23.95 13.81 5.12
C ALA A 170 22.97 13.11 4.19
N VAL A 171 23.36 11.96 3.65
CA VAL A 171 22.48 11.24 2.73
C VAL A 171 21.22 10.76 3.43
N LEU A 172 21.36 10.20 4.64
CA LEU A 172 20.20 9.69 5.36
C LEU A 172 19.26 10.82 5.78
N ARG A 173 19.82 11.93 6.28
CA ARG A 173 18.98 13.07 6.64
C ARG A 173 18.27 13.63 5.42
N GLY A 174 18.96 13.71 4.28
CA GLY A 174 18.31 14.16 3.06
C GLY A 174 17.18 13.26 2.63
N GLN A 175 17.37 11.94 2.77
CA GLN A 175 16.31 11.00 2.40
C GLN A 175 15.08 11.18 3.28
N ILE A 176 15.27 11.28 4.60
CA ILE A 176 14.12 11.43 5.50
C ILE A 176 13.41 12.77 5.25
N PHE A 177 14.18 13.85 5.08
CA PHE A 177 13.59 15.15 4.79
C PHE A 177 12.83 15.14 3.47
N ILE A 178 13.40 14.46 2.48
CA ILE A 178 12.78 14.38 1.12
C ILE A 178 11.37 13.77 1.25
N VAL A 179 11.27 12.57 1.82
CA VAL A 179 9.96 11.86 1.99
C VAL A 179 8.96 12.80 2.69
N TYR A 180 9.38 13.42 3.80
CA TYR A 180 8.49 14.33 4.57
C TYR A 180 8.01 15.48 3.69
N PHE A 181 8.95 16.22 3.10
CA PHE A 181 8.61 17.38 2.24
C PHE A 181 7.78 16.91 1.04
N ILE A 182 8.27 15.89 0.32
CA ILE A 182 7.56 15.35 -0.87
C ILE A 182 6.13 14.96 -0.47
N ALA A 183 5.97 14.33 0.69
CA ALA A 183 4.64 13.90 1.18
C ALA A 183 3.77 15.12 1.46
N GLY A 184 4.38 16.20 1.97
CA GLY A 184 3.63 17.44 2.28
C GLY A 184 3.45 18.32 1.04
N VAL A 185 4.14 17.97 -0.05
CA VAL A 185 4.03 18.76 -1.32
C VAL A 185 2.95 18.12 -2.21
N LYS A 186 2.55 16.89 -1.89
CA LYS A 186 1.52 16.17 -2.68
C LYS A 186 0.17 16.27 -1.96
N LYS A 187 0.16 16.92 -0.79
CA LYS A 187 -1.09 17.09 0.00
C LYS A 187 -1.67 18.48 -0.24
N LEU A 188 -1.30 19.10 -1.37
CA LEU A 188 -1.80 20.46 -1.72
C LEU A 188 -2.97 20.34 -2.70
N ASP A 189 -3.55 19.14 -2.81
CA ASP A 189 -4.69 18.91 -3.73
C ASP A 189 -5.98 19.43 -3.07
N ALA A 190 -7.01 19.69 -3.88
CA ALA A 190 -8.30 20.21 -3.36
C ALA A 190 -9.12 19.04 -2.79
N ASP A 191 -8.80 17.81 -3.20
CA ASP A 191 -9.52 16.60 -2.71
C ASP A 191 -9.06 16.26 -1.29
N TRP A 192 -7.98 16.91 -0.83
CA TRP A 192 -7.43 16.66 0.54
C TRP A 192 -7.64 17.90 1.41
N VAL A 193 -7.34 19.09 0.87
CA VAL A 193 -7.49 20.36 1.63
C VAL A 193 -8.98 20.62 1.89
N GLU A 194 -9.86 19.85 1.23
CA GLU A 194 -11.30 20.02 1.40
C GLU A 194 -11.93 18.90 2.21
N GLY A 195 -11.13 18.00 2.77
CA GLY A 195 -11.63 17.02 3.72
C GLY A 195 -12.27 15.79 3.12
N TYR A 196 -11.91 15.42 1.89
CA TYR A 196 -12.55 14.30 1.22
C TYR A 196 -11.78 12.99 1.33
N SER A 197 -10.47 13.04 1.55
CA SER A 197 -9.66 11.82 1.49
C SER A 197 -9.96 10.88 2.65
N MET A 198 -9.95 11.40 3.88
CA MET A 198 -10.23 10.60 5.08
C MET A 198 -11.34 11.29 5.86
N GLU A 199 -12.58 11.00 5.51
CA GLU A 199 -13.72 11.59 6.19
C GLU A 199 -14.20 10.78 7.37
N TYR A 200 -13.85 9.49 7.45
CA TYR A 200 -14.31 8.61 8.51
C TYR A 200 -13.22 8.28 9.52
N LEU A 201 -12.02 8.86 9.39
CA LEU A 201 -10.93 8.53 10.30
C LEU A 201 -11.17 9.11 11.70
N SER A 202 -11.77 10.29 11.80
CA SER A 202 -11.93 10.95 13.09
C SER A 202 -12.95 10.26 13.99
N ARG A 203 -13.69 9.28 13.48
CA ARG A 203 -14.62 8.51 14.30
C ARG A 203 -13.93 7.53 15.23
N HIS A 204 -12.61 7.38 15.12
CA HIS A 204 -11.87 6.48 16.00
C HIS A 204 -11.86 7.02 17.42
N TRP A 205 -11.75 6.09 18.39
CA TRP A 205 -11.70 6.47 19.79
C TRP A 205 -10.40 7.17 20.17
N LEU A 206 -9.39 7.14 19.31
CA LEU A 206 -8.13 7.82 19.57
C LEU A 206 -8.21 9.33 19.35
N PHE A 207 -9.30 9.82 18.75
CA PHE A 207 -9.52 11.24 18.55
C PHE A 207 -10.48 11.82 19.58
N SER A 208 -10.78 11.07 20.65
CA SER A 208 -11.76 11.52 21.63
C SER A 208 -11.41 12.85 22.30
N PRO A 209 -10.16 13.10 22.75
CA PRO A 209 -9.89 14.39 23.42
C PRO A 209 -10.19 15.60 22.55
N PHE A 210 -10.01 15.50 21.24
CA PHE A 210 -10.31 16.63 20.36
C PHE A 210 -11.80 16.90 20.29
N LYS A 211 -12.63 15.86 20.37
CA LYS A 211 -14.08 16.03 20.32
C LYS A 211 -14.64 16.72 21.56
N LEU A 212 -13.84 16.87 22.62
CA LEU A 212 -14.31 17.57 23.81
C LEU A 212 -14.57 19.05 23.52
N LEU A 213 -13.75 19.67 22.68
CA LEU A 213 -13.90 21.07 22.33
C LEU A 213 -14.18 21.32 20.86
N LEU A 214 -14.34 20.27 20.06
CA LEU A 214 -14.58 20.42 18.62
C LEU A 214 -15.74 19.51 18.20
N SER A 215 -16.38 19.87 17.10
CA SER A 215 -17.40 19.04 16.50
C SER A 215 -16.76 17.97 15.61
N GLU A 216 -17.59 17.02 15.18
CA GLU A 216 -17.09 15.90 14.37
C GLU A 216 -16.55 16.39 13.02
N GLU A 217 -17.31 17.23 12.33
CA GLU A 217 -16.84 17.77 11.06
C GLU A 217 -15.60 18.61 11.26
N LEU A 218 -15.58 19.44 12.31
CA LEU A 218 -14.44 20.30 12.56
C LEU A 218 -13.21 19.49 12.99
N THR A 219 -13.40 18.41 13.74
CA THR A 219 -12.26 17.57 14.10
C THR A 219 -11.78 16.73 12.92
N SER A 220 -12.64 16.46 11.94
CA SER A 220 -12.18 15.76 10.75
C SER A 220 -11.42 16.70 9.81
N LEU A 221 -11.86 17.95 9.70
CA LEU A 221 -11.23 18.88 8.77
C LEU A 221 -10.00 19.57 9.36
N LEU A 222 -10.08 20.02 10.61
CA LEU A 222 -9.02 20.80 11.22
C LEU A 222 -7.83 19.93 11.62
N VAL A 223 -8.08 18.75 12.15
CA VAL A 223 -7.05 17.93 12.77
C VAL A 223 -6.48 16.90 11.81
N VAL A 224 -7.35 16.12 11.14
CA VAL A 224 -6.89 15.03 10.31
C VAL A 224 -6.21 15.55 9.05
N HIS A 225 -6.79 16.56 8.40
CA HIS A 225 -6.29 16.98 7.09
C HIS A 225 -5.30 18.13 7.19
N TRP A 226 -5.72 19.27 7.74
CA TRP A 226 -4.84 20.42 7.80
C TRP A 226 -3.69 20.21 8.79
N GLY A 227 -3.99 19.58 9.93
CA GLY A 227 -2.94 19.26 10.87
C GLY A 227 -1.90 18.31 10.29
N GLY A 228 -2.37 17.28 9.58
CA GLY A 228 -1.45 16.35 8.95
C GLY A 228 -0.60 17.02 7.89
N LEU A 229 -1.21 17.89 7.08
CA LEU A 229 -0.44 18.62 6.06
C LEU A 229 0.62 19.52 6.70
N LEU A 230 0.26 20.20 7.79
CA LEU A 230 1.21 21.07 8.48
C LEU A 230 2.37 20.27 9.09
N LEU A 231 2.05 19.14 9.73
CA LEU A 231 3.10 18.30 10.30
C LEU A 231 4.04 17.80 9.21
N ASP A 232 3.48 17.35 8.08
CA ASP A 232 4.31 16.90 6.97
C ASP A 232 5.22 18.00 6.45
N LEU A 233 4.68 19.21 6.30
CA LEU A 233 5.48 20.28 5.73
C LEU A 233 6.50 20.86 6.71
N SER A 234 6.32 20.67 8.02
CA SER A 234 7.21 21.29 8.99
C SER A 234 8.13 20.33 9.73
N ALA A 235 7.94 19.01 9.60
CA ALA A 235 8.70 18.06 10.42
C ALA A 235 10.20 18.16 10.16
N GLY A 236 10.60 18.23 8.89
CA GLY A 236 12.03 18.23 8.58
C GLY A 236 12.73 19.48 9.08
N PHE A 237 12.10 20.65 8.88
CA PHE A 237 12.67 21.89 9.37
C PHE A 237 12.73 21.91 10.89
N LEU A 238 11.69 21.39 11.55
CA LEU A 238 11.70 21.33 13.01
C LEU A 238 12.82 20.43 13.53
N LEU A 239 13.04 19.29 12.87
CA LEU A 239 14.04 18.34 13.32
C LEU A 239 15.46 18.80 13.01
N PHE A 240 15.66 19.57 11.94
CA PHE A 240 17.02 19.99 11.58
C PHE A 240 17.62 20.92 12.63
N PHE A 241 16.85 21.89 13.10
CA PHE A 241 17.36 22.91 14.01
C PHE A 241 17.25 22.44 15.45
N ASP A 242 18.28 22.73 16.23
CA ASP A 242 18.37 22.23 17.60
C ASP A 242 17.55 23.05 18.59
N VAL A 243 17.17 24.28 18.22
CA VAL A 243 16.33 25.08 19.11
C VAL A 243 14.92 24.54 19.15
N SER A 244 14.50 23.83 18.10
CA SER A 244 13.16 23.25 18.01
C SER A 244 13.19 21.73 17.97
N ARG A 245 14.33 21.11 18.26
CA ARG A 245 14.45 19.66 18.06
C ARG A 245 13.58 18.88 19.02
N SER A 246 13.47 19.33 20.27
CA SER A 246 12.64 18.61 21.24
C SER A 246 11.16 18.68 20.87
N ILE A 247 10.70 19.85 20.45
CA ILE A 247 9.31 20.02 20.05
C ILE A 247 9.01 19.15 18.82
N GLY A 248 9.89 19.21 17.82
CA GLY A 248 9.71 18.39 16.64
C GLY A 248 9.74 16.91 16.96
N LEU A 249 10.63 16.49 17.86
CA LEU A 249 10.72 15.09 18.24
C LEU A 249 9.43 14.62 18.90
N PHE A 250 8.89 15.42 19.81
CA PHE A 250 7.63 15.05 20.46
C PHE A 250 6.50 14.94 19.43
N PHE A 251 6.43 15.90 18.51
CA PHE A 251 5.37 15.87 17.50
C PHE A 251 5.48 14.64 16.60
N VAL A 252 6.68 14.34 16.11
CA VAL A 252 6.79 13.19 15.20
C VAL A 252 6.56 11.89 15.94
N SER A 253 6.99 11.81 17.21
CA SER A 253 6.74 10.61 17.99
C SER A 253 5.25 10.37 18.18
N TYR A 254 4.50 11.43 18.51
CA TYR A 254 3.05 11.29 18.64
C TYR A 254 2.41 10.90 17.31
N PHE A 255 2.86 11.53 16.21
CA PHE A 255 2.32 11.23 14.89
C PHE A 255 2.52 9.76 14.52
N HIS A 256 3.74 9.24 14.68
CA HIS A 256 4.00 7.86 14.28
C HIS A 256 3.39 6.85 15.23
N CYS A 257 3.31 7.17 16.53
CA CYS A 257 2.62 6.28 17.45
C CYS A 257 1.12 6.20 17.13
N MET A 258 0.50 7.33 16.78
CA MET A 258 -0.90 7.30 16.37
C MET A 258 -1.09 6.51 15.09
N ASN A 259 -0.19 6.70 14.11
CA ASN A 259 -0.32 6.00 12.83
C ASN A 259 -0.11 4.50 12.98
N SER A 260 0.71 4.08 13.93
CA SER A 260 0.93 2.65 14.13
C SER A 260 -0.35 1.92 14.54
N GLN A 261 -1.26 2.62 15.22
CA GLN A 261 -2.53 2.03 15.64
C GLN A 261 -3.69 2.34 14.70
N LEU A 262 -3.62 3.45 13.96
CA LEU A 262 -4.73 3.79 13.07
C LEU A 262 -4.81 2.85 11.87
N PHE A 263 -3.67 2.49 11.29
CA PHE A 263 -3.62 1.69 10.08
C PHE A 263 -2.87 0.38 10.33
N SER A 264 -2.66 -0.38 9.26
CA SER A 264 -1.86 -1.61 9.29
C SER A 264 -0.84 -1.49 8.14
N ILE A 265 0.34 -0.98 8.47
CA ILE A 265 1.35 -0.66 7.45
C ILE A 265 2.66 -1.34 7.78
N GLY A 266 2.61 -2.49 8.44
CA GLY A 266 3.80 -3.24 8.77
C GLY A 266 4.70 -2.57 9.79
N MET A 267 5.96 -2.35 9.42
CA MET A 267 6.96 -1.76 10.29
C MET A 267 7.36 -0.36 9.87
N PHE A 268 6.56 0.29 9.02
CA PHE A 268 6.94 1.62 8.52
C PHE A 268 7.01 2.64 9.65
N SER A 269 6.03 2.61 10.55
CA SER A 269 5.99 3.57 11.64
C SER A 269 7.19 3.43 12.58
N TYR A 270 7.63 2.20 12.82
CA TYR A 270 8.79 1.98 13.68
C TYR A 270 10.09 2.38 13.00
N VAL A 271 10.20 2.17 11.70
CA VAL A 271 11.36 2.66 10.96
C VAL A 271 11.42 4.18 11.03
N MET A 272 10.26 4.83 10.86
CA MET A 272 10.21 6.29 10.94
C MET A 272 10.51 6.80 12.34
N LEU A 273 10.06 6.07 13.37
CA LEU A 273 10.41 6.43 14.74
C LEU A 273 11.90 6.28 15.01
N ALA A 274 12.51 5.23 14.47
CA ALA A 274 13.93 4.99 14.70
C ALA A 274 14.83 5.88 13.85
N SER A 275 14.32 6.45 12.77
CA SER A 275 15.13 7.33 11.93
C SER A 275 15.20 8.76 12.42
N SER A 276 14.48 9.11 13.49
CA SER A 276 14.45 10.48 13.98
C SER A 276 15.70 10.88 14.76
N PRO A 277 16.29 10.01 15.61
CA PRO A 277 17.51 10.41 16.33
C PRO A 277 18.72 10.60 15.42
N LEU A 278 18.64 10.28 14.13
CA LEU A 278 19.74 10.56 13.22
C LEU A 278 19.97 12.05 13.05
N PHE A 279 19.00 12.89 13.43
CA PHE A 279 19.14 14.33 13.36
C PHE A 279 19.85 14.93 14.57
N CYS A 280 19.98 14.18 15.65
CA CYS A 280 20.66 14.64 16.84
C CYS A 280 22.17 14.59 16.63
N SER A 281 22.93 14.84 17.68
CA SER A 281 24.38 14.77 17.59
C SER A 281 24.83 13.33 17.38
N PRO A 282 25.87 13.10 16.58
CA PRO A 282 26.31 11.72 16.31
C PRO A 282 26.86 11.00 17.54
N GLU A 283 26.94 11.68 18.68
CA GLU A 283 27.50 11.12 19.89
C GLU A 283 26.47 10.87 20.98
N TRP A 284 25.18 11.03 20.68
CA TRP A 284 24.16 10.87 21.72
C TRP A 284 24.14 9.50 22.39
N PRO A 285 24.40 8.37 21.72
CA PRO A 285 24.46 7.10 22.46
C PRO A 285 25.53 7.07 23.54
N ARG A 286 26.66 7.74 23.32
CA ARG A 286 27.70 7.80 24.34
C ARG A 286 27.22 8.57 25.57
N LYS A 287 26.54 9.70 25.36
CA LYS A 287 25.98 10.44 26.49
C LYS A 287 24.93 9.62 27.22
N LEU A 288 24.09 8.90 26.47
CA LEU A 288 23.06 8.07 27.09
C LEU A 288 23.67 6.97 27.93
N VAL A 289 24.75 6.33 27.44
CA VAL A 289 25.43 5.31 28.22
C VAL A 289 26.27 5.89 29.35
N SER A 290 26.57 7.17 29.31
CA SER A 290 27.25 7.82 30.42
C SER A 290 26.29 8.28 31.51
N TYR A 291 25.03 8.55 31.16
CA TYR A 291 24.06 9.01 32.14
C TYR A 291 23.52 7.88 33.03
N CYS A 292 23.66 6.63 32.60
CA CYS A 292 23.11 5.52 33.36
C CYS A 292 23.91 5.31 34.65
N PRO A 293 23.33 4.64 35.65
CA PRO A 293 24.02 4.45 36.92
C PRO A 293 25.32 3.67 36.77
N ARG A 294 26.25 3.94 37.69
CA ARG A 294 27.59 3.37 37.62
C ARG A 294 27.59 1.85 37.76
N ARG A 295 26.56 1.26 38.36
CA ARG A 295 26.52 -0.18 38.53
C ARG A 295 26.36 -0.93 37.20
N LEU A 296 25.99 -0.23 36.13
CA LEU A 296 25.84 -0.85 34.82
C LEU A 296 26.80 -0.26 33.79
N GLN A 297 27.79 0.52 34.22
CA GLN A 297 28.75 1.15 33.33
C GLN A 297 30.05 0.37 33.21
N GLN A 298 30.12 -0.83 33.79
CA GLN A 298 31.33 -1.63 33.77
C GLN A 298 31.22 -2.87 32.90
N LEU A 299 30.03 -3.19 32.40
CA LEU A 299 29.85 -4.35 31.52
C LEU A 299 29.78 -3.97 30.04
N LEU A 300 29.30 -2.77 29.73
CA LEU A 300 29.27 -2.31 28.35
C LEU A 300 30.68 -1.91 27.89
N PRO A 301 30.90 -1.83 26.59
CA PRO A 301 32.21 -1.41 26.09
C PRO A 301 32.63 -0.06 26.64
N LEU A 302 33.91 0.08 26.91
CA LEU A 302 34.44 1.31 27.50
C LEU A 302 34.28 2.47 26.53
N LYS A 303 34.04 3.66 27.08
CA LYS A 303 33.91 4.88 26.28
C LYS A 303 35.29 5.53 26.16
N ALA A 304 35.82 5.56 24.94
CA ALA A 304 37.13 6.11 24.67
C ALA A 304 37.07 7.00 23.44
N ALA A 305 38.15 7.77 23.24
CA ALA A 305 38.23 8.64 22.08
C ALA A 305 38.31 7.81 20.80
N PRO A 306 37.47 8.10 19.80
CA PRO A 306 37.52 7.34 18.55
C PRO A 306 38.87 7.50 17.85
N GLN A 307 39.31 6.40 17.22
CA GLN A 307 40.58 6.27 16.51
C GLN A 307 40.43 6.78 15.08
N PRO A 308 41.54 7.21 14.47
CA PRO A 308 41.48 7.68 13.08
C PRO A 308 41.13 6.55 12.11
N SER A 309 40.49 6.93 11.00
CA SER A 309 40.11 5.98 9.97
C SER A 309 40.45 6.54 8.60
N VAL A 310 40.66 5.64 7.64
CA VAL A 310 41.06 6.04 6.30
C VAL A 310 39.89 6.52 5.45
N SER A 311 38.65 6.20 5.84
CA SER A 311 37.50 6.60 5.06
C SER A 311 37.35 8.12 4.99
N CYS A 312 37.56 8.79 6.12
CA CYS A 312 37.41 10.24 6.19
C CYS A 312 38.75 10.93 5.97
N VAL A 313 38.74 12.26 5.94
CA VAL A 313 39.93 13.07 5.75
C VAL A 313 40.10 13.98 6.95
N TYR A 314 41.34 14.39 7.20
CA TYR A 314 41.68 15.20 8.35
C TYR A 314 42.36 16.48 7.89
N LYS A 315 41.71 17.63 8.14
CA LYS A 315 42.27 18.94 7.85
C LYS A 315 42.50 19.65 9.18
N ARG A 316 43.77 19.88 9.51
CA ARG A 316 44.16 20.53 10.75
C ARG A 316 45.08 21.70 10.46
N SER A 317 44.99 22.72 11.32
CA SER A 317 45.88 23.88 11.18
C SER A 317 47.32 23.54 11.54
N ARG A 318 47.53 22.73 12.58
CA ARG A 318 48.86 22.30 12.99
C ARG A 318 49.17 20.87 12.58
N GLY A 319 48.16 20.02 12.48
CA GLY A 319 48.34 18.64 12.04
C GLY A 319 48.46 18.55 10.54
N LYS A 320 49.67 18.85 10.04
CA LYS A 320 50.03 19.00 8.63
C LYS A 320 49.08 19.93 7.88
N SER A 321 49.34 20.15 6.59
CA SER A 321 48.58 21.13 5.82
C SER A 321 47.29 20.54 5.29
N GLY A 322 47.38 19.47 4.48
CA GLY A 322 46.21 18.84 3.93
C GLY A 322 46.54 17.61 3.10
N GLN A 323 45.54 16.77 2.88
CA GLN A 323 45.68 15.57 2.07
C GLN A 323 44.88 15.75 0.79
N LYS A 324 45.53 15.56 -0.36
CA LYS A 324 44.83 15.67 -1.62
C LYS A 324 43.78 14.57 -1.73
N PRO A 325 42.52 14.91 -2.01
CA PRO A 325 41.49 13.87 -2.12
C PRO A 325 41.81 12.89 -3.23
N GLY A 326 41.56 11.62 -2.97
CA GLY A 326 41.79 10.54 -3.91
C GLY A 326 40.53 10.17 -4.66
N LEU A 327 40.47 8.92 -5.12
CA LEU A 327 39.32 8.41 -5.84
C LEU A 327 38.18 8.02 -4.92
N ARG A 328 38.41 7.96 -3.61
CA ARG A 328 37.37 7.60 -2.66
C ARG A 328 36.68 8.79 -2.03
N HIS A 329 37.38 9.92 -1.88
CA HIS A 329 36.79 11.10 -1.27
C HIS A 329 35.85 11.84 -2.21
N GLN A 330 36.19 11.92 -3.50
CA GLN A 330 35.34 12.60 -4.46
C GLN A 330 34.13 11.78 -4.85
N LEU A 331 34.27 10.45 -4.86
CA LEU A 331 33.16 9.57 -5.21
C LEU A 331 32.02 9.70 -4.22
N GLY A 332 32.33 9.85 -2.94
CA GLY A 332 31.28 10.01 -1.94
C GLY A 332 30.48 11.28 -2.14
N ALA A 333 31.16 12.40 -2.39
CA ALA A 333 30.46 13.66 -2.64
C ALA A 333 29.62 13.59 -3.91
N ALA A 334 30.17 13.02 -4.98
CA ALA A 334 29.41 12.89 -6.21
C ALA A 334 28.18 12.01 -6.02
N PHE A 335 28.33 10.90 -5.30
CA PHE A 335 27.20 10.02 -5.05
C PHE A 335 26.14 10.73 -4.23
N THR A 336 26.55 11.46 -3.19
CA THR A 336 25.58 12.21 -2.38
C THR A 336 24.76 13.16 -3.26
N LEU A 337 25.46 13.98 -4.04
CA LEU A 337 24.76 14.99 -4.86
C LEU A 337 23.84 14.34 -5.88
N LEU A 338 24.34 13.34 -6.62
CA LEU A 338 23.55 12.72 -7.66
C LEU A 338 22.35 11.96 -7.09
N TYR A 339 22.55 11.23 -6.00
CA TYR A 339 21.45 10.49 -5.39
C TYR A 339 20.37 11.44 -4.89
N LEU A 340 20.77 12.55 -4.26
CA LEU A 340 19.77 13.49 -3.79
C LEU A 340 19.01 14.12 -4.95
N LEU A 341 19.70 14.46 -6.04
CA LEU A 341 19.02 14.99 -7.22
C LEU A 341 18.01 14.00 -7.80
N GLU A 342 18.41 12.74 -7.92
CA GLU A 342 17.51 11.72 -8.46
C GLU A 342 16.32 11.49 -7.55
N GLN A 343 16.54 11.47 -6.24
CA GLN A 343 15.43 11.30 -5.30
C GLN A 343 14.48 12.48 -5.35
N LEU A 344 15.00 13.67 -5.67
CA LEU A 344 14.13 14.82 -5.82
C LEU A 344 13.36 14.78 -7.12
N PHE A 345 13.95 14.22 -8.18
CA PHE A 345 13.35 14.31 -9.50
C PHE A 345 12.31 13.20 -9.75
N LEU A 346 12.58 11.98 -9.28
CA LEU A 346 11.72 10.85 -9.64
C LEU A 346 10.25 11.01 -9.28
N PRO A 347 9.85 11.57 -8.13
CA PRO A 347 8.42 11.77 -7.88
C PRO A 347 7.74 12.76 -8.81
N TYR A 348 8.49 13.45 -9.67
CA TYR A 348 7.91 14.46 -10.57
C TYR A 348 8.30 14.20 -12.01
N SER A 349 8.45 12.93 -12.39
CA SER A 349 8.91 12.55 -13.73
C SER A 349 7.80 11.93 -14.57
N HIS A 350 6.55 12.14 -14.20
CA HIS A 350 5.43 11.51 -14.86
C HIS A 350 5.11 12.11 -16.23
N PHE A 351 5.68 13.28 -16.55
CA PHE A 351 5.49 13.87 -17.87
C PHE A 351 6.31 13.17 -18.96
N LEU A 352 7.17 12.22 -18.59
CA LEU A 352 7.95 11.45 -19.55
C LEU A 352 7.34 10.09 -19.86
N THR A 353 6.87 9.37 -18.84
CA THR A 353 6.30 8.03 -19.01
C THR A 353 4.78 8.16 -19.02
N GLN A 354 4.25 8.64 -20.15
CA GLN A 354 2.83 8.93 -20.26
C GLN A 354 1.96 7.70 -20.38
N GLY A 355 2.55 6.55 -20.74
CA GLY A 355 1.79 5.32 -20.86
C GLY A 355 1.40 4.69 -19.54
N TYR A 356 1.90 5.21 -18.43
CA TYR A 356 1.50 4.76 -17.10
C TYR A 356 0.55 5.75 -16.42
N ASN A 357 0.09 6.76 -17.14
CA ASN A 357 -0.74 7.82 -16.59
C ASN A 357 -2.21 7.52 -16.87
N ASN A 358 -2.92 7.05 -15.87
CA ASN A 358 -4.37 6.93 -15.82
C ASN A 358 -4.96 8.19 -15.17
N TRP A 359 -6.19 8.10 -14.66
CA TRP A 359 -6.76 9.17 -13.84
C TRP A 359 -5.75 9.73 -12.85
N THR A 360 -4.90 8.88 -12.30
CA THR A 360 -3.83 9.27 -11.39
C THR A 360 -2.48 9.06 -12.09
N ASN A 361 -1.54 9.96 -11.81
CA ASN A 361 -0.25 9.95 -12.49
C ASN A 361 0.63 8.80 -12.01
N GLY A 362 1.16 8.03 -12.95
CA GLY A 362 2.21 7.07 -12.68
C GLY A 362 1.73 5.78 -12.03
N LEU A 363 2.67 4.85 -11.89
CA LEU A 363 2.46 3.63 -11.11
C LEU A 363 2.53 3.97 -9.62
N TYR A 364 1.74 3.26 -8.82
CA TYR A 364 1.70 3.53 -7.39
C TYR A 364 2.89 2.88 -6.68
N GLY A 365 3.59 3.67 -5.87
CA GLY A 365 4.64 3.12 -5.03
C GLY A 365 5.88 3.96 -4.79
N TYR A 366 6.15 4.96 -5.64
CA TYR A 366 7.42 5.66 -5.57
C TYR A 366 7.28 7.19 -5.60
N SER A 367 6.10 7.71 -5.28
CA SER A 367 5.87 9.16 -5.33
C SER A 367 5.49 9.78 -3.99
N TRP A 368 5.37 9.00 -2.92
CA TRP A 368 5.07 9.50 -1.58
C TRP A 368 3.72 10.22 -1.54
N ASP A 369 2.69 9.58 -2.09
CA ASP A 369 1.33 10.09 -2.06
C ASP A 369 0.45 9.05 -1.35
N MET A 370 0.42 9.12 -0.03
CA MET A 370 -0.29 8.14 0.78
C MET A 370 -1.65 8.68 1.19
N MET A 371 -2.68 7.83 1.04
CA MET A 371 -4.05 8.13 1.48
C MET A 371 -4.60 9.40 0.86
N VAL A 372 -4.25 9.70 -0.38
CA VAL A 372 -4.82 10.87 -1.05
C VAL A 372 -6.03 10.48 -1.90
N HIS A 373 -5.94 9.37 -2.64
CA HIS A 373 -7.01 8.92 -3.52
C HIS A 373 -7.56 7.60 -3.02
N SER A 374 -8.89 7.50 -2.96
CA SER A 374 -9.59 6.31 -2.52
C SER A 374 -10.55 5.88 -3.62
N ARG A 375 -10.52 4.60 -3.98
CA ARG A 375 -11.28 4.07 -5.10
C ARG A 375 -12.40 3.16 -4.61
N SER A 376 -13.54 3.25 -5.27
CA SER A 376 -14.66 2.33 -5.07
C SER A 376 -15.04 1.75 -6.42
N HIS A 377 -15.27 0.45 -6.47
CA HIS A 377 -15.58 -0.26 -7.70
C HIS A 377 -17.00 -0.80 -7.61
N GLN A 378 -17.81 -0.50 -8.63
CA GLN A 378 -19.21 -0.88 -8.62
C GLN A 378 -19.47 -2.17 -9.39
N HIS A 379 -18.82 -2.38 -10.53
CA HIS A 379 -19.12 -3.50 -11.40
C HIS A 379 -17.97 -3.71 -12.38
N VAL A 380 -17.68 -4.97 -12.70
CA VAL A 380 -16.71 -5.33 -13.73
C VAL A 380 -17.34 -6.40 -14.61
N LYS A 381 -17.24 -6.20 -15.93
CA LYS A 381 -17.72 -7.19 -16.90
C LYS A 381 -16.62 -7.48 -17.91
N ILE A 382 -16.39 -8.76 -18.18
CA ILE A 382 -15.45 -9.20 -19.21
C ILE A 382 -16.20 -10.05 -20.21
N THR A 383 -16.09 -9.70 -21.49
CA THR A 383 -16.76 -10.43 -22.56
C THR A 383 -15.76 -10.77 -23.65
N TYR A 384 -15.93 -11.95 -24.25
CA TYR A 384 -15.09 -12.41 -25.34
C TYR A 384 -15.95 -12.81 -26.53
N ARG A 385 -15.36 -12.72 -27.71
CA ARG A 385 -15.95 -13.25 -28.94
C ARG A 385 -15.04 -14.32 -29.51
N ASP A 386 -15.61 -15.47 -29.84
CA ASP A 386 -14.83 -16.54 -30.45
C ASP A 386 -14.40 -16.14 -31.86
N GLY A 387 -13.13 -16.39 -32.16
CA GLY A 387 -12.60 -15.99 -33.46
C GLY A 387 -12.92 -16.92 -34.60
N ARG A 388 -13.37 -18.14 -34.31
CA ARG A 388 -13.69 -19.12 -35.35
C ARG A 388 -15.18 -19.28 -35.56
N THR A 389 -15.96 -19.38 -34.49
CA THR A 389 -17.41 -19.53 -34.60
C THR A 389 -18.13 -18.18 -34.49
N GLY A 390 -17.77 -17.37 -33.50
CA GLY A 390 -18.34 -16.06 -33.34
C GLY A 390 -19.29 -15.88 -32.17
N GLU A 391 -19.41 -16.87 -31.28
CA GLU A 391 -20.30 -16.73 -30.15
C GLU A 391 -19.71 -15.77 -29.12
N LEU A 392 -20.59 -15.21 -28.30
CA LEU A 392 -20.21 -14.30 -27.22
C LEU A 392 -20.26 -15.03 -25.89
N GLY A 393 -19.28 -14.77 -25.03
CA GLY A 393 -19.23 -15.37 -23.72
C GLY A 393 -18.71 -14.39 -22.68
N TYR A 394 -18.94 -14.75 -21.42
CA TYR A 394 -18.57 -13.90 -20.30
C TYR A 394 -17.72 -14.68 -19.32
N LEU A 395 -16.69 -14.02 -18.79
CA LEU A 395 -15.76 -14.61 -17.83
C LEU A 395 -15.99 -14.05 -16.45
N ASN A 396 -15.66 -14.84 -15.44
CA ASN A 396 -15.65 -14.36 -14.07
C ASN A 396 -14.49 -13.38 -13.87
N PRO A 397 -14.73 -12.17 -13.38
CA PRO A 397 -13.66 -11.17 -13.31
C PRO A 397 -12.57 -11.58 -12.32
N GLY A 398 -11.33 -11.66 -12.80
CA GLY A 398 -10.21 -12.05 -11.99
C GLY A 398 -10.05 -13.54 -11.79
N VAL A 399 -10.15 -14.32 -12.88
CA VAL A 399 -10.14 -15.78 -12.76
C VAL A 399 -8.73 -16.28 -12.43
N PHE A 400 -7.74 -15.89 -13.22
CA PHE A 400 -6.37 -16.37 -13.06
C PHE A 400 -5.46 -15.33 -12.44
N THR A 401 -6.02 -14.41 -11.65
CA THR A 401 -5.26 -13.37 -10.98
C THR A 401 -5.28 -13.62 -9.47
N GLN A 402 -4.21 -13.19 -8.81
CA GLN A 402 -4.10 -13.26 -7.36
C GLN A 402 -4.22 -11.90 -6.71
N SER A 403 -4.55 -10.86 -7.46
CA SER A 403 -4.71 -9.51 -6.94
C SER A 403 -5.86 -8.83 -7.67
N ARG A 404 -6.04 -7.53 -7.41
CA ARG A 404 -7.13 -6.77 -7.99
C ARG A 404 -6.70 -5.43 -8.57
N ARG A 405 -5.42 -5.10 -8.55
CA ARG A 405 -4.94 -3.80 -9.02
C ARG A 405 -4.98 -3.66 -10.54
N TRP A 406 -5.39 -4.71 -11.27
CA TRP A 406 -5.45 -4.64 -12.73
C TRP A 406 -6.60 -3.78 -13.24
N LYS A 407 -7.53 -3.38 -12.38
CA LYS A 407 -8.70 -2.61 -12.81
C LYS A 407 -8.44 -1.12 -12.93
N ASP A 408 -7.28 -0.63 -12.49
CA ASP A 408 -7.01 0.79 -12.50
C ASP A 408 -5.92 1.21 -13.47
N HIS A 409 -5.17 0.27 -14.04
CA HIS A 409 -4.03 0.58 -14.89
C HIS A 409 -4.18 -0.12 -16.23
N ALA A 410 -3.79 0.59 -17.30
CA ALA A 410 -3.89 0.07 -18.65
C ALA A 410 -2.78 -0.92 -18.99
N ASP A 411 -1.58 -0.74 -18.43
CA ASP A 411 -0.50 -1.70 -18.65
C ASP A 411 -0.84 -3.06 -18.04
N MET A 412 -1.38 -3.05 -16.81
CA MET A 412 -1.80 -4.30 -16.19
C MET A 412 -2.97 -4.93 -16.94
N LEU A 413 -3.90 -4.10 -17.43
CA LEU A 413 -5.02 -4.64 -18.21
C LEU A 413 -4.55 -5.28 -19.50
N LYS A 414 -3.54 -4.68 -20.15
CA LYS A 414 -2.97 -5.27 -21.35
C LYS A 414 -2.26 -6.60 -21.04
N GLN A 415 -1.51 -6.65 -19.94
CA GLN A 415 -0.89 -7.91 -19.53
C GLN A 415 -1.94 -8.98 -19.27
N TYR A 416 -3.01 -8.61 -18.56
CA TYR A 416 -4.08 -9.55 -18.25
C TYR A 416 -4.77 -10.04 -19.52
N ALA A 417 -5.01 -9.15 -20.47
CA ALA A 417 -5.64 -9.55 -21.72
C ALA A 417 -4.76 -10.53 -22.50
N THR A 418 -3.45 -10.28 -22.54
CA THR A 418 -2.55 -11.21 -23.22
C THR A 418 -2.53 -12.57 -22.54
N CYS A 419 -2.50 -12.58 -21.21
CA CYS A 419 -2.55 -13.83 -20.45
C CYS A 419 -3.84 -14.59 -20.74
N LEU A 420 -4.98 -13.89 -20.76
CA LEU A 420 -6.25 -14.54 -21.06
C LEU A 420 -6.28 -15.09 -22.47
N SER A 421 -5.76 -14.33 -23.44
CA SER A 421 -5.76 -14.80 -24.82
C SER A 421 -4.90 -16.06 -24.96
N ARG A 422 -3.77 -16.12 -24.24
CA ARG A 422 -2.93 -17.31 -24.33
C ARG A 422 -3.52 -18.49 -23.57
N LEU A 423 -4.25 -18.25 -22.48
CA LEU A 423 -4.75 -19.35 -21.65
C LEU A 423 -6.13 -19.86 -22.05
N LEU A 424 -6.90 -19.10 -22.81
CA LEU A 424 -8.28 -19.50 -23.12
C LEU A 424 -8.37 -20.68 -24.09
N PRO A 425 -7.44 -20.86 -25.04
CA PRO A 425 -7.50 -22.07 -25.88
C PRO A 425 -7.46 -23.37 -25.10
N LYS A 426 -7.04 -23.36 -23.85
CA LYS A 426 -7.13 -24.56 -23.01
C LYS A 426 -8.56 -24.89 -22.61
N TYR A 427 -9.52 -24.01 -22.88
CA TYR A 427 -10.92 -24.22 -22.52
C TYR A 427 -11.82 -24.19 -23.75
N ASN A 428 -11.31 -24.69 -24.88
CA ASN A 428 -12.07 -24.83 -26.13
C ASN A 428 -12.56 -23.48 -26.65
N VAL A 429 -11.68 -22.47 -26.62
CA VAL A 429 -11.99 -21.16 -27.16
C VAL A 429 -10.88 -20.77 -28.12
N THR A 430 -11.23 -20.50 -29.38
CA THR A 430 -10.26 -20.12 -30.40
C THR A 430 -9.86 -18.67 -30.11
N GLU A 431 -8.94 -18.11 -30.90
CA GLU A 431 -8.36 -16.78 -30.67
C GLU A 431 -9.45 -15.75 -30.36
N PRO A 432 -9.52 -15.28 -29.12
CA PRO A 432 -10.62 -14.43 -28.70
C PRO A 432 -10.31 -12.94 -28.82
N GLN A 433 -11.38 -12.16 -28.87
CA GLN A 433 -11.33 -10.72 -28.68
C GLN A 433 -12.02 -10.39 -27.37
N ILE A 434 -11.33 -9.67 -26.49
CA ILE A 434 -11.79 -9.44 -25.13
C ILE A 434 -12.10 -7.96 -24.95
N TYR A 435 -13.21 -7.67 -24.25
CA TYR A 435 -13.63 -6.32 -23.94
C TYR A 435 -13.87 -6.20 -22.45
N PHE A 436 -13.61 -5.01 -21.91
CA PHE A 436 -13.71 -4.76 -20.48
C PHE A 436 -14.68 -3.61 -20.22
N ASP A 437 -15.46 -3.74 -19.15
CA ASP A 437 -16.45 -2.73 -18.76
C ASP A 437 -16.35 -2.55 -17.24
N ILE A 438 -15.61 -1.53 -16.81
CA ILE A 438 -15.26 -1.33 -15.41
C ILE A 438 -15.77 0.04 -14.96
N TRP A 439 -16.48 0.08 -13.83
CA TRP A 439 -17.08 1.29 -13.29
C TRP A 439 -16.39 1.65 -11.97
N VAL A 440 -15.85 2.87 -11.89
CA VAL A 440 -15.08 3.31 -10.73
C VAL A 440 -15.54 4.69 -10.28
N SER A 441 -15.55 4.91 -8.97
CA SER A 441 -15.70 6.22 -8.36
C SER A 441 -14.49 6.52 -7.50
N ILE A 442 -13.97 7.74 -7.57
CA ILE A 442 -12.77 8.13 -6.85
C ILE A 442 -13.11 9.31 -5.94
N ASN A 443 -12.93 9.11 -4.63
CA ASN A 443 -13.17 10.13 -3.60
C ASN A 443 -14.62 10.61 -3.61
N ASP A 444 -15.55 9.66 -3.69
CA ASP A 444 -16.99 9.90 -3.58
C ASP A 444 -17.52 10.77 -4.71
N ARG A 445 -17.18 10.39 -5.93
CA ARG A 445 -17.61 11.06 -7.15
C ARG A 445 -18.71 10.22 -7.83
N PHE A 446 -19.13 10.65 -9.01
CA PHE A 446 -20.03 9.83 -9.82
C PHE A 446 -19.29 8.61 -10.34
N GLN A 447 -19.95 7.46 -10.29
CA GLN A 447 -19.40 6.26 -10.90
C GLN A 447 -19.39 6.40 -12.42
N GLN A 448 -18.25 6.10 -13.04
CA GLN A 448 -18.11 6.23 -14.48
C GLN A 448 -17.21 5.12 -15.01
N ARG A 449 -17.18 5.01 -16.34
CA ARG A 449 -16.29 4.07 -17.01
C ARG A 449 -14.87 4.64 -17.06
N ILE A 450 -13.89 3.76 -16.93
CA ILE A 450 -12.50 4.18 -16.95
C ILE A 450 -11.86 3.85 -18.29
N PHE A 451 -12.28 2.73 -18.89
CA PHE A 451 -11.76 2.30 -20.17
C PHE A 451 -12.88 2.29 -21.20
N ASP A 452 -12.49 2.32 -22.47
CA ASP A 452 -13.44 2.24 -23.56
C ASP A 452 -13.98 0.82 -23.69
N PRO A 453 -15.28 0.59 -23.57
CA PRO A 453 -15.81 -0.77 -23.60
C PRO A 453 -16.01 -1.35 -25.00
N ARG A 454 -15.75 -0.56 -26.04
CA ARG A 454 -15.91 -1.01 -27.41
C ARG A 454 -14.59 -1.39 -28.06
N VAL A 455 -13.48 -1.32 -27.34
CA VAL A 455 -12.15 -1.54 -27.87
C VAL A 455 -11.69 -2.93 -27.45
N ASP A 456 -11.15 -3.70 -28.41
CA ASP A 456 -10.54 -4.99 -28.13
C ASP A 456 -9.13 -4.77 -27.60
N ILE A 457 -8.85 -5.28 -26.40
CA ILE A 457 -7.60 -4.98 -25.73
C ILE A 457 -6.45 -5.87 -26.20
N VAL A 458 -6.76 -7.03 -26.79
CA VAL A 458 -5.69 -7.90 -27.27
C VAL A 458 -4.92 -7.24 -28.41
N GLN A 459 -5.60 -6.47 -29.26
CA GLN A 459 -4.96 -5.79 -30.38
C GLN A 459 -4.73 -4.31 -30.13
N ALA A 460 -5.05 -3.80 -28.95
CA ALA A 460 -4.92 -2.38 -28.67
C ALA A 460 -3.45 -2.00 -28.50
N ALA A 461 -3.13 -0.76 -28.88
CA ALA A 461 -1.75 -0.28 -28.88
C ALA A 461 -1.41 0.33 -27.53
N TRP A 462 -0.33 -0.16 -26.92
CA TRP A 462 0.17 0.40 -25.67
C TRP A 462 1.68 0.58 -25.76
N SER A 463 2.15 1.74 -25.33
CA SER A 463 3.56 2.07 -25.29
C SER A 463 3.91 2.72 -23.96
N PRO A 464 5.12 2.50 -23.44
CA PRO A 464 5.49 3.13 -22.16
C PRO A 464 5.54 4.64 -22.20
N PHE A 465 5.85 5.24 -23.35
CA PHE A 465 6.07 6.68 -23.45
C PHE A 465 5.01 7.39 -24.27
N GLN A 466 3.89 6.74 -24.55
CA GLN A 466 2.79 7.33 -25.31
C GLN A 466 1.52 7.28 -24.50
N ARG A 467 0.76 8.38 -24.52
CA ARG A 467 -0.48 8.45 -23.76
C ARG A 467 -1.53 7.53 -24.37
N THR A 468 -2.17 6.72 -23.53
CA THR A 468 -3.11 5.71 -23.99
C THR A 468 -4.42 6.36 -24.45
N SER A 469 -4.91 5.91 -25.60
CA SER A 469 -6.08 6.52 -26.22
C SER A 469 -7.40 5.92 -25.76
N TRP A 470 -7.40 4.69 -25.23
CA TRP A 470 -8.64 4.05 -24.82
C TRP A 470 -8.93 4.19 -23.33
N VAL A 471 -8.39 5.23 -22.70
CA VAL A 471 -8.69 5.56 -21.31
C VAL A 471 -9.71 6.69 -21.30
N GLN A 472 -10.81 6.49 -20.59
CA GLN A 472 -11.86 7.50 -20.51
C GLN A 472 -11.43 8.62 -19.55
N PRO A 473 -11.52 9.88 -19.96
CA PRO A 473 -11.13 10.98 -19.07
C PRO A 473 -12.05 11.10 -17.87
N LEU A 474 -11.48 11.56 -16.77
CA LEU A 474 -12.25 11.80 -15.54
C LEU A 474 -13.08 13.05 -15.69
N LEU A 475 -14.37 12.97 -15.33
CA LEU A 475 -15.31 14.08 -15.52
C LEU A 475 -15.14 15.05 -14.36
N MET A 476 -14.18 15.96 -14.53
CA MET A 476 -13.79 16.86 -13.45
C MET A 476 -14.87 17.89 -13.14
N ASP A 477 -15.58 18.35 -14.17
CA ASP A 477 -16.63 19.36 -13.95
C ASP A 477 -17.94 18.74 -13.46
N LEU A 478 -17.84 17.85 -12.49
CA LEU A 478 -18.99 17.28 -11.81
C LEU A 478 -18.73 17.12 -10.32
N SER A 479 -17.54 17.47 -9.84
CA SER A 479 -17.20 17.34 -8.42
C SER A 479 -18.08 18.19 -7.51
N PRO A 480 -18.42 19.45 -7.82
CA PRO A 480 -19.27 20.23 -6.91
C PRO A 480 -20.62 19.59 -6.61
N TRP A 481 -21.00 18.53 -7.33
CA TRP A 481 -22.22 17.80 -7.01
C TRP A 481 -22.10 16.97 -5.74
N ARG A 482 -20.91 16.89 -5.15
CA ARG A 482 -20.68 15.97 -4.03
C ARG A 482 -21.50 16.35 -2.80
N ALA A 483 -21.64 17.65 -2.53
CA ALA A 483 -22.46 18.07 -1.40
C ALA A 483 -23.91 17.66 -1.58
N LYS A 484 -24.46 17.85 -2.78
CA LYS A 484 -25.82 17.41 -3.05
C LYS A 484 -25.95 15.90 -2.96
N LEU A 485 -24.94 15.17 -3.45
CA LEU A 485 -24.98 13.71 -3.37
C LEU A 485 -24.99 13.25 -1.92
N GLN A 486 -24.18 13.88 -1.07
CA GLN A 486 -24.17 13.53 0.34
C GLN A 486 -25.49 13.88 1.01
N GLU A 487 -26.09 15.02 0.64
CA GLU A 487 -27.42 15.35 1.15
C GLU A 487 -28.44 14.28 0.79
N ILE A 488 -28.45 13.87 -0.48
CA ILE A 488 -29.40 12.84 -0.93
C ILE A 488 -29.17 11.54 -0.19
N LYS A 489 -27.91 11.13 -0.06
CA LYS A 489 -27.61 9.86 0.60
C LYS A 489 -28.02 9.89 2.07
N SER A 490 -27.78 11.01 2.75
CA SER A 490 -28.18 11.13 4.14
C SER A 490 -29.67 11.30 4.31
N SER A 491 -30.39 11.69 3.26
CA SER A 491 -31.84 11.86 3.31
C SER A 491 -32.61 10.59 2.99
N LEU A 492 -31.99 9.42 3.15
CA LEU A 492 -32.63 8.14 2.89
C LEU A 492 -32.84 7.38 4.18
N ASP A 493 -33.54 6.25 4.07
CA ASP A 493 -33.87 5.42 5.21
C ASP A 493 -32.72 4.46 5.50
N ASN A 494 -32.97 3.48 6.37
CA ASN A 494 -31.97 2.49 6.74
C ASN A 494 -32.06 1.22 5.89
N HIS A 495 -32.99 1.16 4.94
CA HIS A 495 -33.13 -0.01 4.06
C HIS A 495 -33.18 0.39 2.59
N THR A 496 -32.72 1.59 2.25
CA THR A 496 -32.75 2.09 0.89
C THR A 496 -31.33 2.42 0.46
N GLU A 497 -30.97 2.02 -0.76
CA GLU A 497 -29.66 2.26 -1.32
C GLU A 497 -29.76 3.15 -2.55
N VAL A 498 -28.64 3.79 -2.89
CA VAL A 498 -28.58 4.69 -4.04
C VAL A 498 -27.24 4.49 -4.75
N VAL A 499 -27.27 4.52 -6.09
CA VAL A 499 -26.07 4.46 -6.92
C VAL A 499 -26.12 5.63 -7.89
N PHE A 500 -25.03 6.37 -8.00
CA PHE A 500 -24.92 7.53 -8.87
C PHE A 500 -24.05 7.18 -10.07
N ILE A 501 -24.55 7.45 -11.27
CA ILE A 501 -23.89 7.06 -12.51
C ILE A 501 -23.74 8.28 -13.42
N ALA A 502 -22.55 8.44 -13.99
CA ALA A 502 -22.30 9.42 -15.04
C ALA A 502 -21.89 8.67 -16.30
N ASP A 503 -22.62 8.88 -17.39
CA ASP A 503 -22.40 8.16 -18.63
C ASP A 503 -22.03 9.12 -19.75
N PHE A 504 -21.18 8.65 -20.66
CA PHE A 504 -20.71 9.44 -21.78
C PHE A 504 -21.71 9.39 -22.93
N PRO A 505 -21.78 10.46 -23.73
CA PRO A 505 -22.65 10.44 -24.92
C PRO A 505 -22.22 9.38 -25.92
N GLY A 506 -23.20 8.75 -26.56
CA GLY A 506 -22.95 7.73 -27.53
C GLY A 506 -22.89 6.31 -26.99
N LEU A 507 -22.78 6.15 -25.68
CA LEU A 507 -22.71 4.84 -25.04
C LEU A 507 -24.07 4.48 -24.44
N HIS A 508 -24.14 3.26 -23.91
CA HIS A 508 -25.36 2.80 -23.27
C HIS A 508 -25.01 1.79 -22.19
N LEU A 509 -25.91 1.63 -21.24
CA LEU A 509 -25.75 0.70 -20.13
C LEU A 509 -26.83 -0.36 -20.21
N GLU A 510 -26.42 -1.62 -20.21
CA GLU A 510 -27.34 -2.75 -20.14
C GLU A 510 -27.35 -3.28 -18.72
N ASN A 511 -28.54 -3.40 -18.13
CA ASN A 511 -28.68 -3.78 -16.74
C ASN A 511 -29.77 -4.82 -16.59
N PHE A 512 -29.49 -5.87 -15.83
CA PHE A 512 -30.46 -6.88 -15.45
C PHE A 512 -30.80 -6.67 -13.98
N VAL A 513 -32.04 -6.31 -13.70
CA VAL A 513 -32.46 -6.09 -12.31
C VAL A 513 -32.90 -7.42 -11.70
N SER A 514 -32.37 -7.72 -10.52
CA SER A 514 -32.64 -8.99 -9.87
C SER A 514 -34.11 -9.11 -9.50
N GLU A 515 -34.56 -10.36 -9.32
CA GLU A 515 -35.96 -10.62 -9.03
C GLU A 515 -36.37 -10.04 -7.68
N ASP A 516 -35.50 -10.14 -6.68
CA ASP A 516 -35.83 -9.69 -5.33
C ASP A 516 -35.64 -8.19 -5.13
N LEU A 517 -35.16 -7.47 -6.15
CA LEU A 517 -34.99 -6.03 -6.04
C LEU A 517 -36.27 -5.30 -6.47
N GLY A 518 -37.34 -5.55 -5.71
CA GLY A 518 -38.56 -4.83 -5.92
C GLY A 518 -38.44 -3.38 -5.50
N ASN A 519 -39.30 -2.54 -6.09
CA ASN A 519 -39.28 -1.09 -5.86
C ASN A 519 -37.91 -0.50 -6.24
N THR A 520 -37.64 -0.57 -7.54
CA THR A 520 -36.45 0.02 -8.14
C THR A 520 -36.87 1.11 -9.12
N SER A 521 -36.23 2.28 -9.01
CA SER A 521 -36.55 3.41 -9.87
C SER A 521 -35.25 4.09 -10.29
N ILE A 522 -35.38 4.99 -11.28
CA ILE A 522 -34.25 5.76 -11.79
C ILE A 522 -34.70 7.20 -11.96
N GLN A 523 -33.88 8.14 -11.52
CA GLN A 523 -34.19 9.57 -11.59
C GLN A 523 -33.08 10.30 -12.33
N LEU A 524 -33.46 11.12 -13.31
CA LEU A 524 -32.49 11.89 -14.07
C LEU A 524 -32.11 13.16 -13.33
N LEU A 525 -30.81 13.45 -13.33
CA LEU A 525 -30.27 14.62 -12.65
C LEU A 525 -29.70 15.68 -13.60
N GLN A 526 -29.20 15.27 -14.76
CA GLN A 526 -28.63 16.21 -15.71
C GLN A 526 -28.60 15.54 -17.08
N GLY A 527 -28.66 16.37 -18.13
CA GLY A 527 -28.71 15.82 -19.47
C GLY A 527 -30.05 15.16 -19.77
N GLU A 528 -30.05 14.31 -20.79
CA GLU A 528 -31.23 13.56 -21.17
C GLU A 528 -30.86 12.12 -21.49
N VAL A 529 -31.73 11.18 -21.11
CA VAL A 529 -31.51 9.77 -21.36
C VAL A 529 -32.79 9.15 -21.89
N THR A 530 -32.63 7.98 -22.51
CA THR A 530 -33.75 7.16 -22.97
C THR A 530 -33.63 5.79 -22.33
N VAL A 531 -34.73 5.32 -21.73
CA VAL A 531 -34.77 4.02 -21.08
C VAL A 531 -35.60 3.07 -21.93
N GLU A 532 -35.02 1.94 -22.30
CA GLU A 532 -35.65 0.96 -23.17
C GLU A 532 -35.94 -0.31 -22.39
N LEU A 533 -37.19 -0.78 -22.47
CA LEU A 533 -37.58 -2.04 -21.87
C LEU A 533 -37.42 -3.14 -22.91
N VAL A 534 -36.56 -4.13 -22.61
CA VAL A 534 -36.20 -5.12 -23.61
C VAL A 534 -37.36 -6.04 -23.93
N ALA A 535 -38.09 -6.50 -22.90
CA ALA A 535 -39.19 -7.43 -23.11
C ALA A 535 -40.32 -6.79 -23.92
N GLU A 536 -40.67 -5.55 -23.58
CA GLU A 536 -41.78 -4.87 -24.24
C GLU A 536 -41.36 -4.07 -25.47
N GLN A 537 -40.05 -3.90 -25.69
CA GLN A 537 -39.53 -3.14 -26.83
C GLN A 537 -40.14 -1.74 -26.89
N LYS A 538 -40.08 -1.04 -25.76
CA LYS A 538 -40.68 0.29 -25.63
C LYS A 538 -39.62 1.26 -25.13
N ASN A 539 -39.51 2.40 -25.80
CA ASN A 539 -38.58 3.46 -25.42
C ASN A 539 -39.31 4.54 -24.62
N GLN A 540 -38.54 5.34 -23.89
CA GLN A 540 -39.10 6.41 -23.06
C GLN A 540 -38.02 7.45 -22.79
N THR A 541 -38.27 8.69 -23.19
CA THR A 541 -37.33 9.76 -22.97
C THR A 541 -37.57 10.42 -21.61
N LEU A 542 -36.48 10.85 -20.97
CA LEU A 542 -36.52 11.47 -19.66
C LEU A 542 -35.91 12.86 -19.71
N ARG A 543 -36.43 13.75 -18.89
CA ARG A 543 -35.89 15.09 -18.71
C ARG A 543 -35.50 15.28 -17.25
N GLU A 544 -34.76 16.35 -16.98
CA GLU A 544 -34.19 16.57 -15.66
C GLU A 544 -35.30 16.61 -14.60
N GLY A 545 -35.12 15.82 -13.54
CA GLY A 545 -36.09 15.70 -12.49
C GLY A 545 -37.10 14.58 -12.68
N GLU A 546 -37.15 13.96 -13.86
CA GLU A 546 -38.12 12.92 -14.11
C GLU A 546 -37.72 11.63 -13.41
N LYS A 547 -38.72 10.92 -12.87
CA LYS A 547 -38.52 9.64 -12.21
C LYS A 547 -39.33 8.57 -12.92
N MET A 548 -38.70 7.42 -13.15
CA MET A 548 -39.34 6.30 -13.84
C MET A 548 -39.14 5.03 -13.02
N GLN A 549 -40.14 4.16 -13.02
CA GLN A 549 -40.08 2.91 -12.27
C GLN A 549 -39.75 1.76 -13.20
N LEU A 550 -38.86 0.87 -12.74
CA LEU A 550 -38.37 -0.22 -13.57
C LEU A 550 -38.83 -1.56 -13.01
N PRO A 551 -39.06 -2.55 -13.88
CA PRO A 551 -39.49 -3.87 -13.42
C PRO A 551 -38.33 -4.73 -12.97
N ALA A 552 -38.65 -5.71 -12.12
CA ALA A 552 -37.67 -6.62 -11.55
C ALA A 552 -37.67 -7.95 -12.31
N GLY A 553 -36.50 -8.57 -12.37
CA GLY A 553 -36.35 -9.82 -13.09
C GLY A 553 -36.26 -9.69 -14.59
N GLU A 554 -36.05 -8.48 -15.11
CA GLU A 554 -36.06 -8.22 -16.54
C GLU A 554 -34.80 -7.45 -16.93
N TYR A 555 -34.73 -7.07 -18.20
CA TYR A 555 -33.62 -6.32 -18.77
C TYR A 555 -34.08 -4.91 -19.11
N HIS A 556 -33.19 -3.94 -18.92
CA HIS A 556 -33.45 -2.59 -19.39
C HIS A 556 -32.15 -1.97 -19.85
N LYS A 557 -32.26 -0.97 -20.72
CA LYS A 557 -31.12 -0.29 -21.30
C LYS A 557 -31.30 1.22 -21.13
N VAL A 558 -30.23 1.91 -20.80
CA VAL A 558 -30.22 3.37 -20.68
C VAL A 558 -29.32 3.93 -21.77
N TYR A 559 -29.87 4.81 -22.60
CA TYR A 559 -29.13 5.44 -23.69
C TYR A 559 -28.88 6.91 -23.36
N THR A 560 -27.65 7.35 -23.55
CA THR A 560 -27.28 8.76 -23.35
C THR A 560 -27.37 9.46 -24.70
N THR A 561 -28.33 10.39 -24.82
CA THR A 561 -28.59 11.07 -26.09
C THR A 561 -28.23 12.54 -26.07
N SER A 562 -27.82 13.05 -24.93
CA SER A 562 -27.37 14.45 -24.81
C SER A 562 -26.05 14.63 -25.53
N PRO A 563 -25.64 15.85 -25.92
CA PRO A 563 -24.30 16.08 -26.47
C PRO A 563 -23.28 16.24 -25.34
N SER A 564 -23.73 16.21 -24.09
CA SER A 564 -22.84 16.30 -22.94
C SER A 564 -23.13 15.13 -22.02
N PRO A 565 -22.19 14.77 -21.14
CA PRO A 565 -22.44 13.67 -20.22
C PRO A 565 -23.67 13.91 -19.35
N SER A 566 -24.38 12.83 -19.05
CA SER A 566 -25.59 12.88 -18.26
C SER A 566 -25.39 12.13 -16.95
N CYS A 567 -26.10 12.58 -15.92
CA CYS A 567 -26.03 11.98 -14.60
C CYS A 567 -27.41 11.54 -14.16
N TYR A 568 -27.49 10.34 -13.58
CA TYR A 568 -28.74 9.84 -13.03
C TYR A 568 -28.41 8.98 -11.82
N MET A 569 -29.45 8.51 -11.13
CA MET A 569 -29.25 7.69 -9.94
C MET A 569 -30.29 6.58 -9.91
N TYR A 570 -29.95 5.52 -9.20
CA TYR A 570 -30.83 4.39 -8.95
C TYR A 570 -31.24 4.39 -7.49
N VAL A 571 -32.52 4.16 -7.23
CA VAL A 571 -33.04 3.97 -5.87
C VAL A 571 -33.72 2.61 -5.82
N TYR A 572 -33.31 1.77 -4.88
CA TYR A 572 -33.83 0.41 -4.81
C TYR A 572 -33.82 -0.06 -3.37
N VAL A 573 -34.66 -1.04 -3.07
CA VAL A 573 -34.74 -1.65 -1.75
C VAL A 573 -34.86 -3.16 -1.92
N ASN A 574 -34.12 -3.90 -1.10
CA ASN A 574 -34.21 -5.36 -1.10
C ASN A 574 -35.55 -5.77 -0.48
N THR A 575 -36.54 -6.05 -1.34
CA THR A 575 -37.86 -6.41 -0.85
C THR A 575 -37.83 -7.73 -0.08
N THR A 576 -37.08 -8.71 -0.58
CA THR A 576 -36.98 -10.00 0.11
C THR A 576 -36.36 -9.83 1.50
N GLU A 577 -35.28 -9.06 1.58
CA GLU A 577 -34.66 -8.82 2.88
C GLU A 577 -35.60 -8.07 3.81
N LEU A 578 -36.34 -7.08 3.30
CA LEU A 578 -37.27 -6.34 4.12
C LEU A 578 -38.35 -7.25 4.69
N ALA A 579 -38.93 -8.10 3.84
CA ALA A 579 -39.97 -9.02 4.30
C ALA A 579 -39.42 -10.01 5.32
N LEU A 580 -38.23 -10.56 5.06
CA LEU A 580 -37.64 -11.50 6.00
C LEU A 580 -37.36 -10.84 7.35
N GLU A 581 -36.82 -9.63 7.33
CA GLU A 581 -36.53 -8.94 8.58
C GLU A 581 -37.81 -8.63 9.34
N GLN A 582 -38.85 -8.19 8.64
CA GLN A 582 -40.08 -7.84 9.34
C GLN A 582 -40.77 -9.07 9.93
N ASP A 583 -40.78 -10.20 9.20
CA ASP A 583 -41.40 -11.38 9.77
C ASP A 583 -40.55 -11.98 10.89
N LEU A 584 -39.22 -11.88 10.80
CA LEU A 584 -38.38 -12.31 11.90
C LEU A 584 -38.64 -11.46 13.14
N ALA A 585 -38.77 -10.15 12.97
CA ALA A 585 -39.08 -9.28 14.10
C ALA A 585 -40.44 -9.64 14.70
N TYR A 586 -41.43 -9.88 13.85
CA TYR A 586 -42.75 -10.30 14.32
C TYR A 586 -42.66 -11.57 15.16
N LEU A 587 -42.00 -12.59 14.62
CA LEU A 587 -41.91 -13.87 15.31
C LEU A 587 -41.15 -13.75 16.64
N GLN A 588 -40.02 -13.05 16.63
CA GLN A 588 -39.23 -12.91 17.84
C GLN A 588 -39.97 -12.11 18.90
N GLU A 589 -40.64 -11.02 18.50
CA GLU A 589 -41.40 -10.22 19.46
C GLU A 589 -42.55 -11.02 20.04
N LEU A 590 -43.27 -11.78 19.21
CA LEU A 590 -44.36 -12.61 19.72
C LEU A 590 -43.85 -13.65 20.69
N LYS A 591 -42.74 -14.33 20.35
CA LYS A 591 -42.19 -15.34 21.24
C LYS A 591 -41.76 -14.75 22.57
N GLU A 592 -41.09 -13.59 22.54
CA GLU A 592 -40.62 -12.96 23.78
C GLU A 592 -41.80 -12.46 24.61
N LYS A 593 -42.83 -11.93 23.97
CA LYS A 593 -44.00 -11.47 24.71
C LYS A 593 -44.73 -12.65 25.36
N VAL A 594 -44.81 -13.78 24.66
CA VAL A 594 -45.41 -14.97 25.25
C VAL A 594 -44.57 -15.47 26.42
N GLU A 595 -43.24 -15.45 26.26
CA GLU A 595 -42.36 -15.90 27.33
C GLU A 595 -42.50 -15.04 28.57
N ASN A 596 -42.56 -13.71 28.39
CA ASN A 596 -42.69 -12.82 29.53
C ASN A 596 -44.06 -12.86 30.16
N GLY A 597 -45.09 -13.23 29.40
CA GLY A 597 -46.44 -13.29 29.91
C GLY A 597 -46.82 -14.65 30.48
N THR A 622 -35.77 -23.40 8.70
CA THR A 622 -35.94 -22.05 9.22
C THR A 622 -34.64 -21.26 9.17
N PRO A 623 -34.29 -20.75 7.98
CA PRO A 623 -33.05 -19.98 7.85
C PRO A 623 -33.03 -18.73 8.71
N LEU A 624 -34.18 -18.09 8.93
CA LEU A 624 -34.21 -16.87 9.72
C LEU A 624 -33.79 -17.13 11.17
N VAL A 625 -34.23 -18.25 11.75
CA VAL A 625 -33.83 -18.59 13.12
C VAL A 625 -32.32 -18.81 13.18
N GLN A 626 -31.77 -19.51 12.19
CA GLN A 626 -30.33 -19.75 12.15
C GLN A 626 -29.57 -18.44 12.06
N THR A 627 -29.98 -17.54 11.18
CA THR A 627 -29.30 -16.25 11.05
C THR A 627 -29.38 -15.46 12.34
N PHE A 628 -30.56 -15.44 12.97
CA PHE A 628 -30.71 -14.67 14.21
C PHE A 628 -29.86 -15.25 15.33
N LEU A 629 -29.81 -16.57 15.46
CA LEU A 629 -29.03 -17.16 16.54
C LEU A 629 -27.53 -16.97 16.30
N ARG A 630 -27.08 -17.05 15.05
CA ARG A 630 -25.66 -16.80 14.79
C ARG A 630 -25.32 -15.32 15.00
N ARG A 631 -26.22 -14.41 14.66
CA ARG A 631 -26.01 -13.00 14.96
C ARG A 631 -25.92 -12.77 16.47
N GLN A 632 -26.81 -13.42 17.23
CA GLN A 632 -26.76 -13.30 18.69
C GLN A 632 -25.47 -13.87 19.25
N GLN A 633 -25.00 -14.98 18.69
CA GLN A 633 -23.71 -15.55 19.10
C GLN A 633 -22.58 -14.57 18.82
N ARG A 634 -22.62 -13.91 17.66
CA ARG A 634 -21.60 -12.91 17.34
C ARG A 634 -21.65 -11.74 18.32
N LEU A 635 -22.85 -11.27 18.67
CA LEU A 635 -22.95 -10.19 19.64
C LEU A 635 -22.44 -10.62 21.01
N GLN A 636 -22.75 -11.84 21.42
CA GLN A 636 -22.25 -12.34 22.70
C GLN A 636 -20.74 -12.43 22.71
N GLU A 637 -20.15 -12.92 21.61
CA GLU A 637 -18.69 -12.98 21.51
C GLU A 637 -18.08 -11.59 21.56
N ILE A 638 -18.70 -10.62 20.86
CA ILE A 638 -18.20 -9.25 20.87
C ILE A 638 -18.25 -8.66 22.28
N GLU A 639 -19.36 -8.88 22.98
CA GLU A 639 -19.51 -8.36 24.34
C GLU A 639 -18.48 -9.01 25.27
N ARG A 640 -18.27 -10.32 25.15
CA ARG A 640 -17.29 -10.99 25.98
C ARG A 640 -15.88 -10.47 25.71
N ARG A 641 -15.54 -10.26 24.43
CA ARG A 641 -14.24 -9.71 24.10
C ARG A 641 -14.08 -8.30 24.66
N ARG A 642 -15.14 -7.50 24.60
CA ARG A 642 -15.09 -6.15 25.16
C ARG A 642 -14.87 -6.18 26.66
N ASN A 643 -15.54 -7.11 27.35
CA ASN A 643 -15.42 -7.18 28.81
C ASN A 643 -14.09 -7.76 29.26
N THR A 644 -13.51 -8.68 28.49
CA THR A 644 -12.26 -9.30 28.88
C THR A 644 -11.10 -8.29 28.78
N PRO A 645 -10.08 -8.44 29.62
CA PRO A 645 -8.91 -7.55 29.52
C PRO A 645 -8.10 -7.85 28.26
N PHE A 646 -7.10 -7.00 28.04
CA PHE A 646 -6.30 -7.08 26.81
C PHE A 646 -5.23 -8.15 26.86
N HIS A 647 -4.98 -8.76 28.02
CA HIS A 647 -3.90 -9.74 28.11
C HIS A 647 -4.22 -11.01 27.33
N GLU A 648 -5.49 -11.43 27.32
CA GLU A 648 -5.88 -12.59 26.53
C GLU A 648 -5.69 -12.33 25.04
N ARG A 649 -6.05 -11.14 24.57
CA ARG A 649 -5.82 -10.79 23.17
C ARG A 649 -4.33 -10.69 22.87
N PHE A 650 -3.52 -10.22 23.82
CA PHE A 650 -2.08 -10.19 23.63
C PHE A 650 -1.53 -11.60 23.48
N PHE A 651 -2.00 -12.53 24.33
CA PHE A 651 -1.55 -13.91 24.23
C PHE A 651 -1.96 -14.53 22.89
N ARG A 652 -3.18 -14.24 22.43
CA ARG A 652 -3.63 -14.75 21.13
C ARG A 652 -2.78 -14.18 20.00
N PHE A 653 -2.45 -12.89 20.07
CA PHE A 653 -1.60 -12.26 19.06
C PHE A 653 -0.22 -12.91 19.03
N LEU A 654 0.36 -13.15 20.21
CA LEU A 654 1.66 -13.80 20.26
C LEU A 654 1.60 -15.21 19.71
N LEU A 655 0.52 -15.94 20.00
CA LEU A 655 0.37 -17.29 19.46
C LEU A 655 0.27 -17.28 17.94
N ARG A 656 -0.48 -16.32 17.38
CA ARG A 656 -0.58 -16.21 15.93
C ARG A 656 0.79 -15.92 15.30
N LYS A 657 1.53 -14.98 15.89
CA LYS A 657 2.85 -14.64 15.36
C LYS A 657 3.80 -15.84 15.43
N LEU A 658 3.77 -16.57 16.55
CA LEU A 658 4.64 -17.72 16.70
C LEU A 658 4.28 -18.80 15.69
N TYR A 659 2.98 -18.99 15.45
CA TYR A 659 2.56 -19.96 14.43
C TYR A 659 3.08 -19.58 13.06
N VAL A 660 2.99 -18.29 12.70
CA VAL A 660 3.47 -17.84 11.39
C VAL A 660 4.97 -18.11 11.26
N PHE A 661 5.74 -17.75 12.29
CA PHE A 661 7.18 -17.95 12.25
C PHE A 661 7.54 -19.43 12.14
N ARG A 662 6.88 -20.28 12.94
CA ARG A 662 7.16 -21.71 12.92
C ARG A 662 6.84 -22.33 11.57
N ARG A 663 5.70 -21.96 10.99
CA ARG A 663 5.34 -22.51 9.69
C ARG A 663 6.33 -22.08 8.61
N SER A 664 6.74 -20.81 8.63
CA SER A 664 7.72 -20.35 7.65
C SER A 664 9.03 -21.11 7.78
N PHE A 665 9.50 -21.30 9.02
CA PHE A 665 10.76 -22.01 9.23
C PHE A 665 10.67 -23.45 8.75
N LEU A 666 9.56 -24.14 9.07
CA LEU A 666 9.43 -25.54 8.68
C LEU A 666 9.34 -25.69 7.17
N MET A 667 8.59 -24.82 6.49
CA MET A 667 8.52 -24.87 5.03
C MET A 667 9.89 -24.64 4.41
N THR A 668 10.64 -23.66 4.93
CA THR A 668 11.98 -23.41 4.40
C THR A 668 12.88 -24.61 4.58
N CYS A 669 12.81 -25.26 5.76
CA CYS A 669 13.65 -26.43 6.00
C CYS A 669 13.31 -27.57 5.04
N ILE A 670 12.01 -27.81 4.82
CA ILE A 670 11.61 -28.88 3.91
C ILE A 670 12.14 -28.59 2.49
N SER A 671 11.96 -27.36 2.03
CA SER A 671 12.40 -27.03 0.68
C SER A 671 13.92 -27.13 0.54
N LEU A 672 14.66 -26.68 1.55
CA LEU A 672 16.12 -26.77 1.49
C LEU A 672 16.58 -28.21 1.48
N ARG A 673 15.94 -29.07 2.28
CA ARG A 673 16.32 -30.48 2.27
C ARG A 673 16.01 -31.13 0.92
N ASN A 674 14.86 -30.80 0.33
CA ASN A 674 14.55 -31.32 -1.00
C ASN A 674 15.59 -30.87 -2.02
N LEU A 675 16.00 -29.60 -1.95
CA LEU A 675 16.97 -29.08 -2.91
C LEU A 675 18.33 -29.73 -2.73
N ILE A 676 18.77 -29.94 -1.49
CA ILE A 676 20.13 -30.41 -1.25
C ILE A 676 20.24 -31.92 -1.47
N LEU A 677 19.36 -32.70 -0.84
CA LEU A 677 19.48 -34.16 -0.93
C LEU A 677 18.65 -34.72 -2.06
N GLY A 678 17.35 -34.49 -2.04
CA GLY A 678 16.44 -35.02 -3.03
C GLY A 678 15.10 -35.30 -2.40
N ARG A 679 14.05 -35.15 -3.19
CA ARG A 679 12.70 -35.31 -2.68
C ARG A 679 12.42 -36.78 -2.37
N PRO A 680 11.82 -37.07 -1.22
CA PRO A 680 11.42 -38.46 -0.91
C PRO A 680 10.11 -38.82 -1.58
N SER A 681 9.56 -39.99 -1.24
CA SER A 681 8.30 -40.44 -1.81
C SER A 681 7.16 -39.51 -1.40
N LEU A 682 5.96 -39.76 -1.94
CA LEU A 682 4.81 -38.88 -1.74
C LEU A 682 4.12 -39.13 -0.40
N GLU A 683 4.76 -39.82 0.53
CA GLU A 683 4.22 -40.03 1.87
C GLU A 683 4.96 -39.23 2.93
N GLN A 684 6.29 -39.24 2.91
CA GLN A 684 7.06 -38.45 3.86
C GLN A 684 6.81 -36.96 3.66
N LEU A 685 6.72 -36.51 2.41
CA LEU A 685 6.45 -35.10 2.15
C LEU A 685 5.08 -34.70 2.68
N ALA A 686 4.06 -35.54 2.47
CA ALA A 686 2.74 -35.25 3.00
C ALA A 686 2.74 -35.22 4.51
N GLN A 687 3.46 -36.15 5.15
CA GLN A 687 3.56 -36.15 6.61
C GLN A 687 4.21 -34.87 7.11
N GLU A 688 5.28 -34.43 6.45
CA GLU A 688 5.95 -33.20 6.85
C GLU A 688 5.05 -31.99 6.67
N VAL A 689 4.31 -31.95 5.57
CA VAL A 689 3.41 -30.82 5.32
C VAL A 689 2.30 -30.78 6.38
N THR A 690 1.74 -31.95 6.71
CA THR A 690 0.72 -32.00 7.75
C THR A 690 1.28 -31.57 9.11
N TYR A 691 2.51 -32.00 9.42
CA TYR A 691 3.12 -31.64 10.69
C TYR A 691 3.37 -30.13 10.76
N ALA A 692 3.80 -29.53 9.66
CA ALA A 692 4.13 -28.10 9.67
C ALA A 692 2.90 -27.24 9.91
N ASN A 693 1.75 -27.64 9.36
CA ASN A 693 0.51 -26.89 9.51
C ASN A 693 -0.16 -27.09 10.87
N LEU A 694 0.53 -27.73 11.82
CA LEU A 694 -0.05 -27.95 13.14
C LEU A 694 0.14 -26.71 14.01
N ARG A 695 -0.95 -26.29 14.66
CA ARG A 695 -0.85 -25.20 15.62
C ARG A 695 0.02 -25.63 16.80
N PRO A 696 0.87 -24.73 17.33
CA PRO A 696 1.78 -25.12 18.40
C PRO A 696 1.07 -25.64 19.65
N PHE A 697 0.23 -24.80 20.25
CA PHE A 697 -0.57 -25.21 21.40
C PHE A 697 -1.67 -24.19 21.62
N GLU A 698 -2.90 -24.68 21.78
CA GLU A 698 -4.06 -23.81 21.96
C GLU A 698 -4.26 -23.45 23.43
N THR B 1 -15.39 -21.13 -10.95
CA THR B 1 -16.16 -21.00 -12.19
C THR B 1 -15.50 -20.01 -13.14
N VAL B 2 -14.99 -20.52 -14.26
CA VAL B 2 -14.31 -19.67 -15.23
C VAL B 2 -15.30 -18.79 -15.97
N PHE B 3 -16.47 -19.32 -16.33
CA PHE B 3 -17.41 -18.63 -17.19
C PHE B 3 -18.64 -18.14 -16.40
N LEU B 4 -19.33 -17.18 -17.01
CA LEU B 4 -20.58 -16.62 -16.49
C LEU B 4 -21.63 -16.65 -17.59
N ASP B 5 -22.90 -16.62 -17.18
CA ASP B 5 -24.00 -16.51 -18.12
C ASP B 5 -24.37 -15.05 -18.34
N HIS B 6 -25.26 -14.83 -19.30
CA HIS B 6 -25.66 -13.46 -19.66
C HIS B 6 -26.38 -12.77 -18.50
N GLU B 7 -27.24 -13.51 -17.79
CA GLU B 7 -28.01 -12.92 -16.71
C GLU B 7 -27.12 -12.45 -15.56
N ASN B 8 -26.15 -13.29 -15.16
CA ASN B 8 -25.31 -12.97 -14.01
C ASN B 8 -24.20 -11.99 -14.34
N ALA B 9 -23.86 -11.81 -15.61
CA ALA B 9 -22.81 -10.89 -16.00
C ALA B 9 -23.29 -9.45 -16.09
N ASN B 10 -24.59 -9.20 -15.93
CA ASN B 10 -25.17 -7.87 -16.08
C ASN B 10 -25.89 -7.41 -14.82
N LYS B 11 -25.59 -8.01 -13.67
CA LYS B 11 -26.20 -7.62 -12.40
C LYS B 11 -25.37 -6.48 -11.79
N ILE B 12 -25.66 -5.26 -12.26
CA ILE B 12 -24.91 -4.08 -11.84
C ILE B 12 -25.24 -3.69 -10.41
N LEU B 13 -26.52 -3.80 -10.03
CA LEU B 13 -26.96 -3.36 -8.70
C LEU B 13 -26.85 -4.51 -7.69
N ASN B 14 -25.64 -5.03 -7.56
CA ASN B 14 -25.32 -6.07 -6.58
C ASN B 14 -24.28 -5.53 -5.61
N ARG B 15 -24.21 -6.15 -4.43
CA ARG B 15 -23.17 -5.78 -3.47
C ARG B 15 -21.82 -6.09 -4.08
N PRO B 16 -20.95 -5.09 -4.26
CA PRO B 16 -19.65 -5.37 -4.90
C PRO B 16 -18.82 -6.38 -4.13
N LYS B 17 -18.45 -6.04 -2.88
CA LYS B 17 -17.71 -6.90 -1.95
C LYS B 17 -17.25 -6.09 -0.74
N ARG B 18 -16.64 -4.92 -0.97
CA ARG B 18 -16.11 -4.05 0.07
C ARG B 18 -15.19 -4.82 1.02
N TYR B 19 -14.09 -5.30 0.46
CA TYR B 19 -13.09 -6.05 1.21
C TYR B 19 -12.40 -5.10 2.18
N ASN B 20 -12.88 -5.12 3.43
CA ASN B 20 -12.51 -4.17 4.49
C ASN B 20 -12.27 -2.77 3.94
N SER B 21 -11.17 -2.14 4.34
CA SER B 21 -10.75 -0.88 3.72
C SER B 21 -9.82 -1.16 2.55
N GLY B 22 -8.70 -1.83 2.83
CA GLY B 22 -7.82 -2.32 1.78
C GLY B 22 -7.26 -1.26 0.85
N LYS B 23 -6.77 -0.16 1.41
CA LYS B 23 -6.18 0.88 0.58
C LYS B 23 -4.80 0.44 0.09
N LEU B 24 -4.31 1.14 -0.94
CA LEU B 24 -3.11 0.69 -1.64
C LEU B 24 -1.88 0.61 -0.74
N GLU B 25 -1.83 1.40 0.33
CA GLU B 25 -0.70 1.38 1.25
C GLU B 25 -0.77 0.25 2.27
N GLU B 26 -1.96 -0.17 2.68
CA GLU B 26 -2.07 -1.21 3.69
C GLU B 26 -1.69 -2.58 3.11
N PHE B 27 -1.29 -3.48 4.01
CA PHE B 27 -0.95 -4.85 3.64
C PHE B 27 -2.11 -5.80 3.96
N VAL B 28 -2.53 -5.83 5.22
CA VAL B 28 -3.64 -6.68 5.68
C VAL B 28 -3.43 -8.14 5.28
C1 NAG C . -34.63 3.29 -28.31
C2 NAG C . -34.49 2.23 -29.39
C3 NAG C . -33.02 1.90 -29.61
C4 NAG C . -32.23 3.18 -29.91
C5 NAG C . -32.48 4.22 -28.83
C6 NAG C . -31.86 5.56 -29.13
C7 NAG C . -36.41 0.72 -29.60
C8 NAG C . -37.05 -0.56 -29.12
N2 NAG C . -35.24 1.03 -29.04
O3 NAG C . -32.91 0.99 -30.70
O4 NAG C . -30.84 2.90 -29.96
O5 NAG C . -33.89 4.45 -28.68
O6 NAG C . -30.45 5.53 -28.96
O7 NAG C . -36.95 1.42 -30.44
C1 NAG C . -30.37 2.71 -31.31
C2 NAG C . -28.84 2.74 -31.31
C3 NAG C . -28.31 2.46 -32.72
C4 NAG C . -28.89 1.16 -33.26
C5 NAG C . -30.41 1.19 -33.18
C6 NAG C . -31.05 -0.12 -33.58
C7 NAG C . -28.52 5.19 -31.38
C8 NAG C . -27.87 6.36 -30.69
N2 NAG C . -28.32 4.00 -30.81
O3 NAG C . -26.89 2.39 -32.69
O4 NAG C . -28.49 0.96 -34.61
O5 NAG C . -30.83 1.45 -31.83
O6 NAG C . -30.44 -0.65 -34.75
O7 NAG C . -29.18 5.33 -32.40
C1 NAG D . -40.80 2.44 -2.84
C2 NAG D . -41.95 2.69 -1.86
C3 NAG D . -42.17 4.19 -1.69
C4 NAG D . -40.87 4.89 -1.31
C5 NAG D . -39.76 4.51 -2.29
C6 NAG D . -38.41 5.05 -1.88
C7 NAG D . -43.71 0.99 -1.69
C8 NAG D . -44.97 0.44 -2.29
N2 NAG D . -43.17 2.04 -2.31
O3 NAG D . -43.15 4.41 -0.67
O4 NAG D . -41.05 6.30 -1.35
O5 NAG D . -39.63 3.09 -2.36
O6 NAG D . -37.81 4.23 -0.87
O7 NAG D . -43.20 0.49 -0.69
C1 NAG D . -41.07 6.84 -0.01
C2 NAG D . -40.42 8.23 -0.05
C3 NAG D . -40.48 8.86 1.34
C4 NAG D . -41.91 8.86 1.87
C5 NAG D . -42.49 7.46 1.82
C6 NAG D . -43.95 7.40 2.22
C7 NAG D . -38.63 8.74 -1.64
C8 NAG D . -37.17 8.55 -1.97
N2 NAG D . -39.05 8.15 -0.52
O3 NAG D . -39.99 10.20 1.27
O4 NAG D . -41.94 9.34 3.21
O5 NAG D . -42.41 6.94 0.48
O6 NAG D . -44.48 6.10 2.03
O7 NAG D . -39.39 9.38 -2.36
C1 NAG E . -30.30 -8.42 -1.29
C2 NAG E . -30.77 -9.86 -1.06
C3 NAG E . -29.79 -10.83 -1.73
C4 NAG E . -29.58 -10.47 -3.19
C5 NAG E . -29.19 -9.00 -3.33
C6 NAG E . -29.12 -8.54 -4.76
C7 NAG E . -31.65 -11.17 0.82
C8 NAG E . -31.68 -11.34 2.30
N2 NAG E . -30.90 -10.16 0.35
O3 NAG E . -30.28 -12.16 -1.62
O4 NAG E . -28.56 -11.28 -3.76
O5 NAG E . -30.17 -8.17 -2.69
O6 NAG E . -29.28 -7.13 -4.87
O7 NAG E . -32.27 -11.92 0.06
C11 A1AVC F . 0.76 9.44 6.01
C12 A1AVC F . -0.67 9.64 5.53
C13 A1AVC F . -1.10 10.67 6.62
C14 A1AVC F . -2.22 10.69 7.35
C15 A1AVC F . -3.34 9.66 7.16
C16 A1AVC F . -2.39 11.81 8.40
C01 A1AVC F . 0.11 7.33 7.35
C02 A1AVC F . 1.12 8.39 6.87
C03 A1AVC F . 2.43 8.28 7.31
C04 A1AVC F . 3.41 9.21 6.90
C05 A1AVC F . 4.74 9.12 7.34
C06 A1AVC F . 5.69 10.05 6.91
C07 A1AVC F . 5.34 11.09 6.07
C08 A1AVC F . 4.02 11.17 5.68
C09 A1AVC F . 3.07 10.22 6.09
C10 A1AVC F . 1.73 10.34 5.63
C17 A1AVC F . -2.89 11.16 9.71
C18 A1AVC F . -3.60 12.20 10.61
C19 A1AVC F . -2.80 12.48 11.88
C20 A1AVC F . -2.87 11.26 12.77
C21 A1AVC F . -3.34 13.70 12.62
C22 A1AVC F . -2.46 14.07 13.85
C23 A1AVC F . -1.75 15.42 13.68
C24 A1AVC F . -2.33 16.52 14.59
C25 A1AVC F . -1.47 17.76 14.52
C26 A1AVC F . -2.40 16.07 16.06
C27 A1AVC F . -2.14 17.23 17.07
C28 A1AVC F . -1.11 16.92 18.19
C29 A1AVC F . -1.68 16.90 19.63
C30 A1AVC F . -0.67 16.31 20.62
C31 A1AVC F . -2.13 18.31 20.09
O32 A1AVC F . 1.48 11.41 4.80
O33 A1AVC F . 2.80 7.24 8.14
C BCT G . 1.28 11.87 1.39
O1 BCT G . 0.50 12.30 2.23
O2 BCT G . 1.92 10.85 1.49
O3 BCT G . 1.43 12.58 0.30
C CO2 H . 4.35 4.77 4.05
O1 CO2 H . 5.15 5.30 3.36
O2 CO2 H . 3.55 4.23 4.74
C1 CLR I . 15.40 2.27 -8.47
C2 CLR I . 15.05 3.73 -8.34
C3 CLR I . 15.55 4.36 -7.07
C4 CLR I . 17.08 4.09 -6.93
C5 CLR I . 17.45 2.64 -7.08
C6 CLR I . 18.16 2.07 -6.14
C7 CLR I . 18.58 0.60 -6.18
C8 CLR I . 18.49 0.05 -7.60
C9 CLR I . 17.13 0.44 -8.25
C10 CLR I . 16.90 1.97 -8.36
C11 CLR I . 16.92 -0.28 -9.58
C12 CLR I . 17.14 -1.80 -9.50
C13 CLR I . 18.55 -2.11 -8.96
C14 CLR I . 18.55 -1.43 -7.54
C15 CLR I . 19.79 -2.05 -6.82
C16 CLR I . 19.87 -3.51 -7.40
C17 CLR I . 18.75 -3.61 -8.52
C18 CLR I . 19.68 -1.63 -9.82
C19 CLR I . 17.65 2.52 -9.59
C20 CLR I . 19.19 -4.65 -9.55
C21 CLR I . 18.34 -4.78 -10.82
C22 CLR I . 19.01 -5.98 -8.74
C23 CLR I . 19.08 -7.24 -9.62
C24 CLR I . 18.72 -8.38 -8.62
C25 CLR I . 18.93 -9.73 -9.34
C26 CLR I . 17.98 -9.77 -10.54
C27 CLR I . 18.81 -10.93 -8.38
O1 CLR I . 15.28 5.74 -6.95
C27 PEE J . 21.64 23.61 -6.91
C26 PEE J . 21.44 22.35 -7.73
C25 PEE J . 22.03 21.12 -7.04
C24 PEE J . 21.57 21.04 -5.58
C23 PEE J . 22.20 19.87 -4.81
C22 PEE J . 21.11 19.12 -4.07
C21 PEE J . 21.54 18.48 -2.76
C20 PEE J . 20.72 18.92 -1.55
C19 PEE J . 21.59 19.31 -0.35
C18 PEE J . 23.05 18.91 -0.53
C17 PEE J . 23.73 18.58 0.80
C16 PEE J . 25.23 18.38 0.55
C15 PEE J . 26.02 19.69 0.57
C14 PEE J . 25.49 20.65 1.65
C13 PEE J . 26.50 20.93 2.74
C12 PEE J . 26.93 19.65 3.45
C11 PEE J . 27.36 19.92 4.89
C10 PEE J . 26.45 19.17 5.82
O4 PEE J . 25.96 18.09 5.59
O2 PEE J . 26.21 19.81 6.99
C2 PEE J . 25.66 19.04 8.05
C1 PEE J . 26.43 19.47 9.32
O3P PEE J . 26.04 18.60 10.33
P PEE J . 26.16 18.94 11.95
O2P PEE J . 27.14 20.05 12.14
O1P PEE J . 25.86 17.70 12.71
O4P PEE J . 24.60 19.78 11.90
C4 PEE J . 23.69 19.51 12.89
C5 PEE J . 23.36 20.85 13.60
N PEE J . 22.51 21.68 12.65
C3 PEE J . 24.16 19.40 8.15
O3 PEE J . 23.56 19.34 6.88
C30 PEE J . 22.91 18.22 6.48
O5 PEE J . 22.86 17.25 7.22
C31 PEE J . 22.29 18.32 5.11
C32 PEE J . 21.29 17.19 4.90
C33 PEE J . 20.00 17.34 5.69
C34 PEE J . 18.76 17.47 4.80
C35 PEE J . 17.97 18.75 5.05
C36 PEE J . 17.13 18.72 6.33
C37 PEE J . 16.32 20.01 6.59
C38 PEE J . 16.73 21.15 5.64
C39 PEE J . 16.88 22.51 6.33
C40 PEE J . 17.31 23.64 5.37
C41 PEE J . 18.47 24.52 5.87
C42 PEE J . 19.77 24.33 5.07
C43 PEE J . 20.06 22.87 4.68
C44 PEE J . 21.46 22.64 4.11
C45 PEE J . 21.53 22.50 2.58
C46 PEE J . 22.48 23.51 1.94
C47 PEE J . 21.90 24.92 1.98
C27 PEE K . 19.48 5.94 16.08
C26 PEE K . 18.27 5.05 16.25
C25 PEE K . 17.62 5.23 17.64
C24 PEE K . 16.10 5.09 17.55
C23 PEE K . 15.39 5.13 18.90
C22 PEE K . 13.88 5.13 18.67
C21 PEE K . 13.14 3.87 19.13
C20 PEE K . 12.79 2.89 18.02
C19 PEE K . 11.29 2.60 17.95
C18 PEE K . 10.98 1.12 18.12
C17 PEE K . 11.83 0.24 17.21
C16 PEE K . 11.53 -1.24 17.51
C15 PEE K . 10.06 -1.60 17.43
C14 PEE K . 9.85 -2.95 16.73
C13 PEE K . 9.00 -3.92 17.53
C12 PEE K . 7.51 -3.61 17.36
C11 PEE K . 6.97 -4.12 16.03
C10 PEE K . 5.54 -4.55 16.21
O4 PEE K . 4.90 -4.39 17.22
O2 PEE K . 4.98 -5.14 15.12
C2 PEE K . 3.77 -5.86 15.30
C1 PEE K . 2.69 -5.09 14.49
O3P PEE K . 1.66 -5.98 14.28
P PEE K . 1.05 -6.40 12.79
O2P PEE K . 1.17 -7.88 12.60
O1P PEE K . 1.24 -5.24 11.88
O4P PEE K . -0.60 -6.20 13.39
C4 PEE K . -1.57 -5.85 12.50
C5 PEE K . -2.43 -7.13 12.26
N PEE K . -2.58 -7.31 10.75
C3 PEE K . 3.97 -7.27 14.73
O3 PEE K . 4.28 -8.16 15.77
C30 PEE K . 5.48 -8.77 15.81
O5 PEE K . 6.36 -8.41 15.04
C31 PEE K . 5.57 -9.86 16.83
C32 PEE K . 7.00 -10.40 16.87
C33 PEE K . 7.25 -11.40 18.00
C34 PEE K . 8.25 -10.88 19.04
C35 PEE K . 9.70 -10.93 18.58
C36 PEE K . 10.62 -10.07 19.46
C37 PEE K . 11.24 -10.83 20.64
C38 PEE K . 12.65 -11.35 20.32
C39 PEE K . 13.45 -11.78 21.56
C40 PEE K . 14.97 -11.84 21.32
C41 PEE K . 15.41 -12.92 20.31
C42 PEE K . 14.81 -14.31 20.62
C43 PEE K . 15.66 -15.47 20.09
C44 PEE K . 14.97 -16.83 20.16
C45 PEE K . 15.30 -17.82 19.03
C46 PEE K . 16.56 -18.63 19.30
C47 PEE K . 16.63 -19.88 18.42
CAA Y01 L . 7.18 -30.04 19.03
CBA Y01 L . 8.62 -30.14 19.51
CAB Y01 L . 8.68 -30.21 21.04
CAN Y01 L . 9.53 -29.02 18.99
CAJ Y01 L . 8.85 -27.89 18.19
CAO Y01 L . 9.50 -26.54 18.48
CBB Y01 L . 9.14 -25.48 17.42
CAC Y01 L . 7.85 -24.76 17.83
CBE Y01 L . 10.35 -24.55 17.29
CAP Y01 L . 11.49 -25.33 16.56
CAQ Y01 L . 12.23 -24.30 15.67
CBG Y01 L . 11.77 -22.99 16.29
CBI Y01 L . 10.29 -23.22 16.48
CAE Y01 L . 9.56 -23.38 15.14
CAU Y01 L . 9.75 -22.03 17.27
CAS Y01 L . 10.10 -20.67 16.66
CBF Y01 L . 11.60 -20.48 16.31
CBD Y01 L . 12.08 -21.70 15.53
CAK Y01 L . 13.58 -21.60 15.31
CAI Y01 L . 14.03 -20.32 14.92
CAZ Y01 L . 13.31 -19.15 15.01
CAV Y01 L . 14.06 -17.96 14.55
CBH Y01 L . 11.92 -19.17 15.53
CAD Y01 L . 10.96 -18.96 14.35
CAT Y01 L . 11.79 -17.95 16.47
CAR Y01 L . 12.32 -16.64 15.86
CBC Y01 L . 13.80 -16.77 15.47
OAW Y01 L . 14.28 -15.68 14.70
CAY Y01 L . 14.22 -14.45 15.28
OAG Y01 L . 13.55 -13.64 14.59
CAM Y01 L . 14.86 -14.14 16.57
CAL Y01 L . 15.93 -13.07 16.46
CAX Y01 L . 15.31 -11.69 16.13
OAH Y01 L . 14.41 -11.27 16.90
OAF Y01 L . 15.77 -11.10 15.13
C27 PEE M . 10.50 7.43 -28.23
C26 PEE M . 10.68 8.30 -27.00
C25 PEE M . 11.75 7.72 -26.08
C24 PEE M . 12.09 8.69 -24.95
C23 PEE M . 13.39 8.33 -24.21
C22 PEE M . 13.66 6.83 -24.27
C21 PEE M . 14.99 6.38 -23.66
C20 PEE M . 15.54 5.08 -24.24
C19 PEE M . 14.83 3.84 -23.68
C18 PEE M . 14.97 3.74 -22.16
C17 PEE M . 14.85 2.30 -21.66
C16 PEE M . 13.46 1.77 -22.00
C15 PEE M . 13.51 0.50 -22.84
C14 PEE M . 12.15 0.21 -23.49
C13 PEE M . 11.60 -1.17 -23.13
C12 PEE M . 10.66 -1.70 -24.22
C11 PEE M . 10.01 -3.02 -23.81
C10 PEE M . 8.67 -2.75 -23.21
O4 PEE M . 7.62 -2.67 -23.84
O2 PEE M . 8.68 -2.56 -21.87
C2 PEE M . 7.46 -2.29 -21.22
C1 PEE M . 6.84 -3.69 -20.88
O3P PEE M . 5.46 -3.51 -20.82
P PEE M . 4.46 -4.38 -19.82
O2P PEE M . 5.25 -5.43 -19.12
O1P PEE M . 3.34 -3.49 -19.40
O4P PEE M . 3.74 -5.24 -21.20
C4 PEE M . 2.39 -5.15 -21.40
C5 PEE M . 2.07 -5.69 -22.82
N PEE M . 1.52 -7.11 -22.68
C3 PEE M . 7.77 -1.50 -19.94
O3 PEE M . 9.17 -1.51 -19.71
C30 PEE M . 9.83 -0.33 -19.50
O5 PEE M . 10.64 0.07 -20.32
C31 PEE M . 9.46 0.35 -18.21
C32 PEE M . 9.92 1.81 -18.28
C33 PEE M . 10.29 2.41 -16.92
C34 PEE M . 9.30 2.03 -15.82
C35 PEE M . 8.61 3.24 -15.19
C36 PEE M . 7.79 2.86 -13.95
C37 PEE M . 8.66 2.43 -12.75
C38 PEE M . 9.41 3.60 -12.10
C39 PEE M . 9.63 3.42 -10.59
C40 PEE M . 11.06 3.03 -10.19
C41 PEE M . 11.12 1.95 -9.11
C42 PEE M . 11.36 0.55 -9.72
C43 PEE M . 12.74 0.41 -10.35
C44 PEE M . 12.71 0.23 -11.88
C45 PEE M . 14.07 0.22 -12.59
C46 PEE M . 14.62 -1.19 -12.75
C47 PEE M . 15.50 -1.32 -13.98
#